data_2IEX
#
_entry.id   2IEX
#
_cell.length_a   77.013
_cell.length_b   130.658
_cell.length_c   131.686
_cell.angle_alpha   90.00
_cell.angle_beta   90.00
_cell.angle_gamma   90.00
#
_symmetry.space_group_name_H-M   'C 2 2 21'
#
loop_
_entity.id
_entity.type
_entity.pdbx_description
1 polymer 'Dihydroxynapthoic acid synthetase'
2 water water
#
_entity_poly.entity_id   1
_entity_poly.type   'polypeptide(L)'
_entity_poly.pdbx_seq_one_letter_code
;MPFEWVKQYDYEDIIYETYNGIAKITINRPEVHNAFRPKTVNEMIDAFTKARDDSNIGVIILTGAGGKAFCSGGDQKVRG
HGGYVGEDEIPRLNVLDLQRLIRVIPKPVIAMVAGYAIGGGHVLHVVCDLTIAADNAIFGQTGPKVGSFDGGYGAGYLAR
IVGHKKAREIWYLCRQYTAQEALEMGLVNKVVPLEQLEEETVKWAQEILEKSPTAIRFLKAAFNADSDGLAGIQQLAGDA
TLLFYTTEEAKEGMRAFKEKRKPDFSQFPRFP
;
_entity_poly.pdbx_strand_id   A,B,C
#
# COMPACT_ATOMS: atom_id res chain seq x y z
N TRP A 5 -5.60 32.30 -19.07
CA TRP A 5 -5.34 31.10 -19.92
C TRP A 5 -5.35 31.48 -21.39
N VAL A 6 -4.38 30.96 -22.14
CA VAL A 6 -4.26 31.24 -23.56
C VAL A 6 -4.60 30.02 -24.42
N LYS A 7 -5.82 29.95 -24.94
CA LYS A 7 -6.20 28.80 -25.78
C LYS A 7 -5.08 28.57 -26.80
N GLN A 8 -4.33 27.48 -26.61
CA GLN A 8 -3.16 27.14 -27.44
C GLN A 8 -3.28 26.45 -28.79
N TYR A 9 -4.26 25.56 -28.93
CA TYR A 9 -4.44 24.84 -30.19
C TYR A 9 -5.94 24.72 -30.42
N ASP A 10 -6.36 24.05 -31.48
CA ASP A 10 -7.79 23.92 -31.73
C ASP A 10 -8.30 22.49 -31.62
N TYR A 11 -8.98 22.21 -30.52
CA TYR A 11 -9.55 20.88 -30.28
C TYR A 11 -11.07 20.95 -30.38
N GLU A 12 -11.69 19.78 -30.51
CA GLU A 12 -13.14 19.71 -30.66
C GLU A 12 -13.85 19.28 -29.38
N ASP A 13 -13.47 18.13 -28.82
CA ASP A 13 -14.08 17.61 -27.60
C ASP A 13 -13.51 18.14 -26.30
N ILE A 14 -12.34 18.77 -26.36
CA ILE A 14 -11.72 19.31 -25.15
C ILE A 14 -11.21 20.71 -25.41
N ILE A 15 -10.54 21.27 -24.41
CA ILE A 15 -9.96 22.60 -24.49
C ILE A 15 -8.56 22.57 -23.90
N TYR A 16 -7.62 23.22 -24.59
CA TYR A 16 -6.23 23.26 -24.13
C TYR A 16 -5.74 24.69 -24.01
N GLU A 17 -5.43 25.09 -22.78
CA GLU A 17 -4.97 26.44 -22.50
C GLU A 17 -3.73 26.39 -21.62
N THR A 18 -2.99 27.49 -21.57
CA THR A 18 -1.77 27.55 -20.76
C THR A 18 -1.67 28.89 -20.05
N TYR A 19 -0.83 28.94 -19.03
CA TYR A 19 -0.61 30.17 -18.26
C TYR A 19 0.52 30.05 -17.25
N ASN A 20 1.57 30.84 -17.48
CA ASN A 20 2.74 30.91 -16.61
C ASN A 20 3.39 29.57 -16.21
N GLY A 21 3.39 28.60 -17.12
CA GLY A 21 3.99 27.31 -16.83
C GLY A 21 2.98 26.24 -16.51
N ILE A 22 1.71 26.60 -16.45
CA ILE A 22 0.64 25.66 -16.15
C ILE A 22 -0.19 25.39 -17.40
N ALA A 23 -0.47 24.12 -17.66
CA ALA A 23 -1.28 23.73 -18.80
C ALA A 23 -2.58 23.11 -18.27
N LYS A 24 -3.71 23.61 -18.75
CA LYS A 24 -5.00 23.10 -18.30
C LYS A 24 -5.76 22.43 -19.44
N ILE A 25 -6.16 21.18 -19.22
CA ILE A 25 -6.89 20.42 -20.22
C ILE A 25 -8.31 20.20 -19.72
N THR A 26 -9.29 20.67 -20.50
CA THR A 26 -10.69 20.56 -20.12
C THR A 26 -11.58 19.73 -21.01
N ILE A 27 -12.15 18.66 -20.45
CA ILE A 27 -13.07 17.83 -21.20
C ILE A 27 -14.29 18.72 -21.34
N ASN A 28 -14.83 18.85 -22.54
CA ASN A 28 -15.98 19.71 -22.74
C ASN A 28 -17.20 19.00 -23.32
N ARG A 29 -17.89 18.27 -22.47
CA ARG A 29 -19.08 17.54 -22.88
C ARG A 29 -20.14 17.53 -21.78
N PRO A 30 -20.38 18.70 -21.15
CA PRO A 30 -21.36 18.85 -20.07
C PRO A 30 -22.71 18.18 -20.34
N GLU A 31 -23.09 18.07 -21.61
CA GLU A 31 -24.36 17.46 -21.97
C GLU A 31 -24.44 16.03 -21.40
N VAL A 32 -23.33 15.30 -21.52
CA VAL A 32 -23.25 13.93 -21.02
C VAL A 32 -22.35 13.89 -19.79
N HIS A 33 -22.30 15.01 -19.07
CA HIS A 33 -21.48 15.14 -17.86
C HIS A 33 -20.02 14.85 -18.13
N ASN A 34 -19.50 15.47 -19.19
CA ASN A 34 -18.11 15.33 -19.59
C ASN A 34 -17.63 13.91 -19.79
N ALA A 35 -18.52 13.04 -20.24
CA ALA A 35 -18.16 11.65 -20.51
C ALA A 35 -17.16 11.69 -21.66
N PHE A 36 -16.44 10.59 -21.88
CA PHE A 36 -15.47 10.56 -22.97
C PHE A 36 -15.77 9.45 -23.97
N ARG A 37 -15.51 9.76 -25.23
CA ARG A 37 -15.71 8.81 -26.31
C ARG A 37 -14.35 8.71 -26.99
N PRO A 38 -14.11 7.63 -27.73
CA PRO A 38 -12.84 7.44 -28.42
C PRO A 38 -12.15 8.71 -28.91
N LYS A 39 -12.90 9.65 -29.48
CA LYS A 39 -12.31 10.88 -29.99
C LYS A 39 -11.76 11.82 -28.92
N THR A 40 -12.57 12.11 -27.90
CA THR A 40 -12.12 13.01 -26.85
C THR A 40 -10.88 12.48 -26.12
N VAL A 41 -10.69 11.16 -26.11
CA VAL A 41 -9.53 10.58 -25.46
C VAL A 41 -8.30 10.90 -26.31
N ASN A 42 -8.41 10.65 -27.61
CA ASN A 42 -7.31 10.92 -28.53
C ASN A 42 -6.84 12.37 -28.44
N GLU A 43 -7.79 13.27 -28.18
CA GLU A 43 -7.45 14.69 -28.08
C GLU A 43 -6.68 14.96 -26.79
N MET A 44 -7.07 14.28 -25.71
CA MET A 44 -6.40 14.44 -24.43
C MET A 44 -4.96 13.93 -24.58
N ILE A 45 -4.79 12.86 -25.35
CA ILE A 45 -3.46 12.30 -25.59
C ILE A 45 -2.59 13.38 -26.22
N ASP A 46 -3.08 13.90 -27.34
CA ASP A 46 -2.37 14.95 -28.08
C ASP A 46 -2.05 16.16 -27.21
N ALA A 47 -3.03 16.56 -26.39
CA ALA A 47 -2.87 17.71 -25.51
C ALA A 47 -1.79 17.49 -24.47
N PHE A 48 -1.86 16.36 -23.76
CA PHE A 48 -0.86 16.04 -22.76
C PHE A 48 0.50 15.97 -23.40
N THR A 49 0.56 15.38 -24.59
CA THR A 49 1.82 15.27 -25.31
C THR A 49 2.33 16.68 -25.56
N LYS A 50 1.45 17.56 -26.01
CA LYS A 50 1.82 18.94 -26.27
C LYS A 50 2.42 19.55 -25.02
N ALA A 51 1.74 19.38 -23.88
CA ALA A 51 2.23 19.90 -22.62
C ALA A 51 3.53 19.20 -22.24
N ARG A 52 3.63 17.92 -22.61
CA ARG A 52 4.82 17.14 -22.30
C ARG A 52 6.07 17.75 -22.93
N ASP A 53 6.00 18.03 -24.23
CA ASP A 53 7.15 18.58 -24.95
C ASP A 53 7.37 20.08 -24.72
N ASP A 54 6.33 20.79 -24.27
CA ASP A 54 6.44 22.23 -24.01
C ASP A 54 7.33 22.49 -22.80
N SER A 55 8.59 22.78 -23.04
CA SER A 55 9.56 23.03 -21.97
C SER A 55 9.20 24.20 -21.05
N ASN A 56 8.16 24.96 -21.42
CA ASN A 56 7.74 26.09 -20.59
C ASN A 56 6.69 25.67 -19.58
N ILE A 57 6.12 24.48 -19.78
CA ILE A 57 5.11 23.94 -18.88
C ILE A 57 5.76 22.98 -17.88
N GLY A 58 5.50 23.20 -16.58
CA GLY A 58 6.08 22.36 -15.55
C GLY A 58 5.04 21.63 -14.71
N VAL A 59 3.77 21.95 -14.93
CA VAL A 59 2.66 21.34 -14.20
C VAL A 59 1.45 21.26 -15.13
N ILE A 60 0.62 20.23 -14.96
CA ILE A 60 -0.56 20.08 -15.79
C ILE A 60 -1.82 19.86 -14.98
N ILE A 61 -2.90 20.53 -15.39
CA ILE A 61 -4.18 20.41 -14.71
C ILE A 61 -5.20 19.73 -15.62
N LEU A 62 -5.97 18.81 -15.05
CA LEU A 62 -6.99 18.11 -15.80
C LEU A 62 -8.31 18.41 -15.10
N THR A 63 -9.31 18.85 -15.86
CA THR A 63 -10.60 19.17 -15.26
C THR A 63 -11.74 19.05 -16.25
N GLY A 64 -12.96 19.17 -15.73
CA GLY A 64 -14.15 19.12 -16.56
C GLY A 64 -14.73 20.51 -16.65
N ALA A 65 -15.43 20.79 -17.75
CA ALA A 65 -16.02 22.11 -17.97
C ALA A 65 -17.34 22.32 -17.23
N GLY A 66 -18.20 21.31 -17.26
CA GLY A 66 -19.50 21.39 -16.61
C GLY A 66 -19.62 22.28 -15.37
N GLY A 67 -18.82 22.00 -14.35
CA GLY A 67 -18.90 22.76 -13.12
C GLY A 67 -19.56 21.84 -12.11
N LYS A 68 -20.21 20.80 -12.64
CA LYS A 68 -20.88 19.80 -11.84
C LYS A 68 -20.47 18.41 -12.31
N ALA A 69 -19.40 18.35 -13.08
CA ALA A 69 -18.89 17.09 -13.58
C ALA A 69 -17.43 17.24 -14.02
N PHE A 70 -16.61 16.26 -13.67
CA PHE A 70 -15.20 16.24 -14.02
C PHE A 70 -15.08 15.34 -15.25
N CYS A 71 -15.75 14.19 -15.14
CA CYS A 71 -15.77 13.18 -16.18
C CYS A 71 -16.75 12.18 -15.55
N SER A 72 -17.46 11.44 -16.39
CA SER A 72 -18.39 10.42 -15.89
C SER A 72 -17.93 9.15 -16.64
N GLY A 73 -16.67 9.07 -17.11
CA GLY A 73 -16.23 7.89 -17.85
C GLY A 73 -16.71 7.92 -19.32
N GLY A 74 -16.97 6.78 -19.96
CA GLY A 74 -17.36 6.76 -21.38
C GLY A 74 -18.69 6.18 -21.96
N ASP A 75 -19.04 6.54 -23.21
CA ASP A 75 -20.28 6.19 -23.92
C ASP A 75 -20.34 4.77 -24.50
N PRO A 91 -15.39 1.75 -28.26
CA PRO A 91 -15.02 0.30 -28.18
C PRO A 91 -13.62 -0.04 -28.66
N ARG A 92 -12.72 0.85 -28.28
CA ARG A 92 -11.30 0.73 -28.49
C ARG A 92 -11.06 1.20 -27.06
N LEU A 93 -10.12 0.62 -26.33
CA LEU A 93 -10.00 1.07 -24.95
C LEU A 93 -8.83 2.02 -24.82
N ASN A 94 -8.85 3.07 -25.63
CA ASN A 94 -7.74 4.02 -25.63
C ASN A 94 -7.53 4.87 -24.38
N VAL A 95 -8.40 4.77 -23.39
CA VAL A 95 -8.19 5.57 -22.19
C VAL A 95 -7.00 4.97 -21.42
N LEU A 96 -6.77 3.68 -21.64
CA LEU A 96 -5.66 2.98 -21.00
C LEU A 96 -4.34 3.61 -21.44
N ASP A 97 -4.27 4.01 -22.71
CA ASP A 97 -3.08 4.66 -23.26
C ASP A 97 -2.88 6.01 -22.58
N LEU A 98 -3.99 6.70 -22.30
CA LEU A 98 -3.93 8.00 -21.66
C LEU A 98 -3.47 7.85 -20.20
N GLN A 99 -3.93 6.80 -19.54
CA GLN A 99 -3.54 6.56 -18.15
C GLN A 99 -2.02 6.41 -18.08
N ARG A 100 -1.47 5.61 -18.98
CA ARG A 100 -0.03 5.40 -19.02
C ARG A 100 0.70 6.69 -19.31
N LEU A 101 0.17 7.46 -20.26
CA LEU A 101 0.77 8.73 -20.65
C LEU A 101 0.82 9.69 -19.46
N ILE A 102 -0.30 9.86 -18.76
CA ILE A 102 -0.35 10.74 -17.60
C ILE A 102 0.71 10.37 -16.56
N ARG A 103 1.01 9.08 -16.47
CA ARG A 103 2.00 8.59 -15.53
C ARG A 103 3.44 8.76 -16.01
N VAL A 104 3.65 8.68 -17.33
CA VAL A 104 4.99 8.81 -17.88
C VAL A 104 5.49 10.26 -18.00
N ILE A 105 4.57 11.19 -18.23
CA ILE A 105 4.97 12.59 -18.35
C ILE A 105 5.71 12.98 -17.08
N PRO A 106 6.97 13.41 -17.22
CA PRO A 106 7.82 13.82 -16.11
C PRO A 106 7.40 15.12 -15.45
N LYS A 107 6.10 15.36 -15.39
CA LYS A 107 5.57 16.58 -14.79
C LYS A 107 4.34 16.23 -13.97
N PRO A 108 4.21 16.84 -12.78
CA PRO A 108 3.05 16.57 -11.92
C PRO A 108 1.75 16.91 -12.64
N VAL A 109 0.77 16.04 -12.52
CA VAL A 109 -0.55 16.26 -13.12
C VAL A 109 -1.59 16.32 -12.00
N ILE A 110 -2.27 17.45 -11.90
CA ILE A 110 -3.28 17.66 -10.87
C ILE A 110 -4.69 17.58 -11.41
N ALA A 111 -5.49 16.69 -10.86
CA ALA A 111 -6.88 16.56 -11.29
C ALA A 111 -7.66 17.61 -10.48
N MET A 112 -8.37 18.50 -11.16
CA MET A 112 -9.16 19.53 -10.51
C MET A 112 -10.60 19.04 -10.66
N VAL A 113 -11.12 18.45 -9.59
CA VAL A 113 -12.44 17.86 -9.63
C VAL A 113 -13.62 18.66 -9.09
N ALA A 114 -14.61 18.84 -9.96
CA ALA A 114 -15.83 19.54 -9.61
C ALA A 114 -16.95 18.62 -10.05
N GLY A 115 -17.90 18.37 -9.17
CA GLY A 115 -18.99 17.49 -9.53
C GLY A 115 -18.55 16.04 -9.69
N TYR A 116 -19.17 15.36 -10.64
CA TYR A 116 -18.93 13.96 -10.91
C TYR A 116 -17.58 13.54 -11.47
N ALA A 117 -16.97 12.55 -10.80
CA ALA A 117 -15.71 11.94 -11.23
C ALA A 117 -16.08 10.47 -11.10
N ILE A 118 -16.79 9.97 -12.10
CA ILE A 118 -17.29 8.59 -12.09
C ILE A 118 -16.78 7.67 -13.19
N GLY A 119 -16.80 6.37 -12.89
CA GLY A 119 -16.36 5.36 -13.82
C GLY A 119 -14.96 5.59 -14.33
N GLY A 120 -14.79 5.56 -15.65
CA GLY A 120 -13.49 5.80 -16.23
C GLY A 120 -13.02 7.17 -15.79
N GLY A 121 -13.97 8.04 -15.47
CA GLY A 121 -13.65 9.38 -15.04
C GLY A 121 -13.01 9.38 -13.67
N HIS A 122 -13.41 8.44 -12.81
CA HIS A 122 -12.83 8.35 -11.48
C HIS A 122 -11.39 7.81 -11.61
N VAL A 123 -11.21 6.76 -12.42
CA VAL A 123 -9.89 6.19 -12.61
C VAL A 123 -8.92 7.27 -13.11
N LEU A 124 -9.42 8.18 -13.95
CA LEU A 124 -8.58 9.25 -14.49
C LEU A 124 -8.06 10.19 -13.41
N HIS A 125 -8.91 10.58 -12.47
CA HIS A 125 -8.44 11.46 -11.39
C HIS A 125 -7.49 10.65 -10.50
N VAL A 126 -7.75 9.35 -10.40
CA VAL A 126 -6.92 8.48 -9.59
C VAL A 126 -5.48 8.44 -10.10
N VAL A 127 -5.27 8.26 -11.41
CA VAL A 127 -3.92 8.19 -11.94
C VAL A 127 -3.18 9.53 -11.97
N CYS A 128 -3.90 10.63 -11.81
CA CYS A 128 -3.23 11.93 -11.77
C CYS A 128 -2.44 11.94 -10.46
N ASP A 129 -1.31 12.63 -10.45
CA ASP A 129 -0.48 12.68 -9.24
C ASP A 129 -1.27 13.18 -8.03
N LEU A 130 -1.97 14.29 -8.18
CA LEU A 130 -2.74 14.87 -7.09
C LEU A 130 -4.17 15.20 -7.52
N THR A 131 -5.04 15.42 -6.54
CA THR A 131 -6.43 15.76 -6.81
C THR A 131 -6.92 16.84 -5.85
N ILE A 132 -7.49 17.90 -6.41
CA ILE A 132 -8.04 18.96 -5.58
C ILE A 132 -9.51 18.93 -5.93
N ALA A 133 -10.35 18.82 -4.91
CA ALA A 133 -11.78 18.73 -5.13
C ALA A 133 -12.61 19.87 -4.53
N ALA A 134 -13.73 20.15 -5.17
CA ALA A 134 -14.65 21.17 -4.69
C ALA A 134 -15.57 20.40 -3.74
N ASP A 135 -16.17 21.09 -2.78
CA ASP A 135 -17.04 20.41 -1.83
C ASP A 135 -18.25 19.74 -2.48
N ASN A 136 -18.48 20.01 -3.76
CA ASN A 136 -19.61 19.41 -4.46
C ASN A 136 -19.19 18.19 -5.27
N ALA A 137 -17.90 17.84 -5.25
CA ALA A 137 -17.41 16.70 -6.01
C ALA A 137 -17.96 15.36 -5.53
N ILE A 138 -18.27 14.49 -6.50
CA ILE A 138 -18.81 13.15 -6.24
C ILE A 138 -17.88 12.11 -6.85
N PHE A 139 -17.46 11.12 -6.05
CA PHE A 139 -16.54 10.07 -6.51
C PHE A 139 -17.15 8.69 -6.47
N GLY A 140 -16.65 7.80 -7.33
CA GLY A 140 -17.13 6.43 -7.36
C GLY A 140 -16.96 5.71 -8.69
N GLN A 141 -17.10 4.39 -8.68
CA GLN A 141 -16.99 3.58 -9.89
C GLN A 141 -18.41 3.14 -10.30
N THR A 142 -18.56 2.60 -11.51
CA THR A 142 -19.87 2.17 -12.00
C THR A 142 -19.82 0.84 -12.75
N GLY A 143 -18.62 0.44 -13.14
CA GLY A 143 -18.43 -0.80 -13.88
C GLY A 143 -19.36 -1.96 -13.58
N PRO A 144 -19.27 -2.57 -12.39
CA PRO A 144 -20.12 -3.70 -12.02
C PRO A 144 -21.61 -3.47 -12.24
N LYS A 145 -22.02 -2.21 -12.39
CA LYS A 145 -23.41 -1.88 -12.63
C LYS A 145 -23.73 -1.86 -14.12
N VAL A 146 -22.89 -1.20 -14.89
CA VAL A 146 -23.11 -1.09 -16.33
C VAL A 146 -22.30 -2.06 -17.17
N GLY A 147 -21.86 -3.15 -16.55
CA GLY A 147 -21.10 -4.16 -17.26
C GLY A 147 -19.74 -3.72 -17.76
N SER A 148 -18.84 -3.41 -16.84
CA SER A 148 -17.49 -2.99 -17.20
C SER A 148 -16.60 -3.02 -15.96
N PHE A 149 -15.31 -2.76 -16.16
CA PHE A 149 -14.37 -2.76 -15.04
C PHE A 149 -12.98 -2.38 -15.49
N ASP A 150 -12.23 -1.77 -14.57
CA ASP A 150 -10.86 -1.35 -14.83
C ASP A 150 -10.06 -2.05 -13.73
N GLY A 151 -9.46 -3.18 -14.07
CA GLY A 151 -8.69 -3.92 -13.10
C GLY A 151 -7.21 -3.57 -13.10
N GLY A 152 -6.87 -2.49 -13.80
CA GLY A 152 -5.48 -2.07 -13.85
C GLY A 152 -5.19 -1.11 -12.72
N TYR A 153 -4.91 0.14 -13.08
CA TYR A 153 -4.63 1.17 -12.10
C TYR A 153 -5.93 1.44 -11.34
N GLY A 154 -7.04 1.14 -12.00
CA GLY A 154 -8.33 1.35 -11.38
C GLY A 154 -8.51 0.56 -10.10
N ALA A 155 -7.91 -0.63 -10.02
CA ALA A 155 -8.04 -1.49 -8.84
C ALA A 155 -6.80 -1.39 -7.96
N GLY A 156 -5.73 -2.02 -8.43
CA GLY A 156 -4.48 -2.02 -7.70
C GLY A 156 -3.94 -0.67 -7.28
N TYR A 157 -3.91 0.30 -8.19
CA TYR A 157 -3.38 1.61 -7.82
C TYR A 157 -4.30 2.32 -6.84
N LEU A 158 -5.59 2.13 -7.02
CA LEU A 158 -6.55 2.74 -6.11
C LEU A 158 -6.27 2.17 -4.71
N ALA A 159 -6.02 0.87 -4.65
CA ALA A 159 -5.76 0.20 -3.37
C ALA A 159 -4.47 0.72 -2.75
N ARG A 160 -3.57 1.24 -3.59
CA ARG A 160 -2.32 1.79 -3.09
C ARG A 160 -2.49 3.23 -2.65
N ILE A 161 -3.74 3.70 -2.67
CA ILE A 161 -4.05 5.06 -2.24
C ILE A 161 -4.91 4.99 -0.99
N VAL A 162 -6.02 4.25 -1.08
CA VAL A 162 -6.96 4.15 0.03
C VAL A 162 -6.90 2.84 0.83
N GLY A 163 -6.07 1.89 0.40
CA GLY A 163 -5.99 0.62 1.12
C GLY A 163 -6.95 -0.38 0.52
N HIS A 164 -6.68 -1.68 0.71
CA HIS A 164 -7.53 -2.71 0.13
C HIS A 164 -8.99 -2.83 0.57
N LYS A 165 -9.29 -2.61 1.84
CA LYS A 165 -10.69 -2.69 2.29
C LYS A 165 -11.55 -1.65 1.56
N LYS A 166 -11.10 -0.41 1.53
CA LYS A 166 -11.85 0.67 0.88
C LYS A 166 -11.91 0.56 -0.62
N ALA A 167 -10.81 0.14 -1.26
CA ALA A 167 -10.76 0.01 -2.71
C ALA A 167 -11.71 -1.07 -3.21
N ARG A 168 -11.82 -2.18 -2.48
CA ARG A 168 -12.72 -3.26 -2.87
C ARG A 168 -14.17 -2.81 -2.63
N GLU A 169 -14.37 -2.03 -1.58
CA GLU A 169 -15.70 -1.51 -1.26
C GLU A 169 -16.18 -0.65 -2.43
N ILE A 170 -15.32 0.27 -2.83
CA ILE A 170 -15.60 1.20 -3.91
C ILE A 170 -16.02 0.52 -5.20
N TRP A 171 -15.34 -0.57 -5.55
CA TRP A 171 -15.65 -1.30 -6.78
C TRP A 171 -16.83 -2.28 -6.69
N TYR A 172 -16.95 -2.99 -5.57
CA TYR A 172 -18.04 -3.96 -5.43
C TYR A 172 -19.43 -3.36 -5.25
N LEU A 173 -19.55 -2.29 -4.47
CA LEU A 173 -20.87 -1.68 -4.26
C LEU A 173 -21.21 -0.54 -5.21
N CYS A 174 -20.18 0.07 -5.79
CA CYS A 174 -20.40 1.18 -6.72
C CYS A 174 -21.22 2.33 -6.12
N ARG A 175 -20.98 2.66 -4.85
CA ARG A 175 -21.70 3.74 -4.21
C ARG A 175 -21.02 5.06 -4.57
N GLN A 176 -21.58 6.17 -4.12
CA GLN A 176 -20.99 7.46 -4.41
C GLN A 176 -20.35 7.99 -3.13
N TYR A 177 -19.28 8.75 -3.27
CA TYR A 177 -18.57 9.31 -2.12
C TYR A 177 -18.42 10.81 -2.29
N THR A 178 -18.67 11.57 -1.23
CA THR A 178 -18.55 13.02 -1.29
C THR A 178 -17.09 13.42 -1.06
N ALA A 179 -16.78 14.68 -1.33
CA ALA A 179 -15.42 15.15 -1.17
C ALA A 179 -14.81 14.83 0.20
N GLN A 180 -15.57 15.10 1.26
CA GLN A 180 -15.10 14.84 2.62
C GLN A 180 -14.78 13.36 2.82
N GLU A 181 -15.60 12.49 2.25
CA GLU A 181 -15.37 11.06 2.36
C GLU A 181 -14.09 10.73 1.61
N ALA A 182 -13.94 11.30 0.42
CA ALA A 182 -12.76 11.07 -0.39
C ALA A 182 -11.51 11.53 0.35
N LEU A 183 -11.58 12.71 0.94
CA LEU A 183 -10.47 13.29 1.68
C LEU A 183 -10.05 12.39 2.84
N GLU A 184 -11.02 11.99 3.65
CA GLU A 184 -10.75 11.14 4.80
C GLU A 184 -10.04 9.83 4.45
N MET A 185 -10.43 9.22 3.32
CA MET A 185 -9.80 7.95 2.92
C MET A 185 -8.50 8.15 2.13
N GLY A 186 -8.05 9.39 2.03
CA GLY A 186 -6.81 9.69 1.32
C GLY A 186 -6.89 9.65 -0.20
N LEU A 187 -8.10 9.69 -0.74
CA LEU A 187 -8.33 9.65 -2.18
C LEU A 187 -8.05 10.98 -2.87
N VAL A 188 -8.29 12.08 -2.16
CA VAL A 188 -8.02 13.41 -2.70
C VAL A 188 -7.13 14.15 -1.71
N ASN A 189 -6.37 15.11 -2.22
CA ASN A 189 -5.44 15.87 -1.41
C ASN A 189 -6.01 17.07 -0.66
N LYS A 190 -7.08 17.63 -1.16
CA LYS A 190 -7.68 18.79 -0.53
C LYS A 190 -9.08 19.07 -1.05
N VAL A 191 -9.90 19.67 -0.20
CA VAL A 191 -11.27 20.02 -0.55
C VAL A 191 -11.49 21.50 -0.27
N VAL A 192 -12.15 22.19 -1.21
CA VAL A 192 -12.44 23.62 -1.06
C VAL A 192 -13.79 23.96 -1.67
N PRO A 193 -14.34 25.15 -1.33
CA PRO A 193 -15.64 25.52 -1.90
C PRO A 193 -15.50 25.59 -3.42
N LEU A 194 -16.57 25.25 -4.12
CA LEU A 194 -16.57 25.26 -5.59
C LEU A 194 -16.03 26.54 -6.23
N GLU A 195 -16.30 27.67 -5.62
CA GLU A 195 -15.87 28.97 -6.16
C GLU A 195 -14.38 29.25 -6.04
N GLN A 196 -13.69 28.47 -5.21
CA GLN A 196 -12.26 28.68 -5.00
C GLN A 196 -11.42 27.55 -5.57
N LEU A 197 -12.08 26.59 -6.21
CA LEU A 197 -11.41 25.43 -6.79
C LEU A 197 -10.19 25.78 -7.64
N GLU A 198 -10.41 26.48 -8.75
CA GLU A 198 -9.29 26.82 -9.62
C GLU A 198 -8.27 27.71 -8.94
N GLU A 199 -8.72 28.51 -7.99
CA GLU A 199 -7.83 29.40 -7.25
C GLU A 199 -6.82 28.60 -6.44
N GLU A 200 -7.31 27.59 -5.72
CA GLU A 200 -6.44 26.74 -4.91
C GLU A 200 -5.56 25.89 -5.80
N THR A 201 -6.16 25.28 -6.82
CA THR A 201 -5.43 24.42 -7.74
C THR A 201 -4.25 25.14 -8.40
N VAL A 202 -4.47 26.38 -8.83
CA VAL A 202 -3.40 27.15 -9.45
C VAL A 202 -2.35 27.47 -8.40
N LYS A 203 -2.81 27.68 -7.17
CA LYS A 203 -1.92 27.96 -6.06
C LYS A 203 -0.97 26.78 -5.89
N TRP A 204 -1.52 25.57 -5.91
CA TRP A 204 -0.71 24.35 -5.77
C TRP A 204 0.21 24.20 -6.96
N ALA A 205 -0.30 24.48 -8.16
CA ALA A 205 0.50 24.37 -9.38
C ALA A 205 1.72 25.29 -9.31
N GLN A 206 1.53 26.52 -8.84
CA GLN A 206 2.62 27.48 -8.74
C GLN A 206 3.68 27.04 -7.74
N GLU A 207 3.24 26.45 -6.63
CA GLU A 207 4.18 25.98 -5.63
C GLU A 207 5.08 24.92 -6.27
N ILE A 208 4.50 24.11 -7.15
CA ILE A 208 5.26 23.08 -7.83
C ILE A 208 6.23 23.72 -8.83
N LEU A 209 5.78 24.78 -9.49
CA LEU A 209 6.62 25.48 -10.47
C LEU A 209 7.85 26.12 -9.84
N GLU A 210 7.92 26.12 -8.51
CA GLU A 210 9.06 26.72 -7.81
C GLU A 210 10.12 25.71 -7.37
N LYS A 211 9.88 24.43 -7.63
CA LYS A 211 10.83 23.39 -7.23
C LYS A 211 11.74 22.97 -8.37
N SER A 212 12.77 22.20 -8.02
CA SER A 212 13.70 21.67 -9.00
C SER A 212 12.90 20.72 -9.87
N PRO A 213 12.75 21.05 -11.16
CA PRO A 213 12.00 20.22 -12.12
C PRO A 213 12.56 18.82 -12.28
N THR A 214 13.88 18.72 -12.17
CA THR A 214 14.55 17.43 -12.31
C THR A 214 14.31 16.57 -11.08
N ALA A 215 14.27 17.20 -9.91
CA ALA A 215 14.05 16.50 -8.67
C ALA A 215 12.62 15.95 -8.63
N ILE A 216 11.72 16.65 -9.31
CA ILE A 216 10.31 16.25 -9.36
C ILE A 216 10.09 15.10 -10.31
N ARG A 217 10.72 15.13 -11.48
CA ARG A 217 10.53 14.05 -12.45
C ARG A 217 11.11 12.74 -11.93
N PHE A 218 12.19 12.83 -11.17
CA PHE A 218 12.84 11.64 -10.61
C PHE A 218 11.96 10.99 -9.54
N LEU A 219 11.33 11.81 -8.71
CA LEU A 219 10.47 11.31 -7.67
C LEU A 219 9.21 10.69 -8.27
N LYS A 220 8.68 11.32 -9.30
CA LYS A 220 7.49 10.80 -9.93
C LYS A 220 7.80 9.42 -10.50
N ALA A 221 8.98 9.29 -11.12
CA ALA A 221 9.39 8.02 -11.69
C ALA A 221 9.58 6.98 -10.58
N ALA A 222 10.21 7.40 -9.49
CA ALA A 222 10.44 6.51 -8.35
C ALA A 222 9.12 6.01 -7.79
N PHE A 223 8.10 6.88 -7.79
CA PHE A 223 6.78 6.51 -7.30
C PHE A 223 6.15 5.53 -8.27
N ASN A 224 6.43 5.69 -9.55
CA ASN A 224 5.86 4.78 -10.54
C ASN A 224 6.56 3.42 -10.48
N ALA A 225 7.86 3.44 -10.18
CA ALA A 225 8.64 2.21 -10.07
C ALA A 225 8.15 1.39 -8.87
N ASP A 226 7.58 2.07 -7.88
CA ASP A 226 7.07 1.41 -6.69
C ASP A 226 6.04 0.32 -7.00
N SER A 227 5.30 0.49 -8.09
CA SER A 227 4.26 -0.48 -8.42
C SER A 227 4.30 -1.06 -9.83
N ASP A 228 5.12 -0.48 -10.71
CA ASP A 228 5.14 -0.94 -12.09
C ASP A 228 6.32 -1.77 -12.57
N GLY A 229 7.00 -2.44 -11.66
CA GLY A 229 8.12 -3.28 -12.04
C GLY A 229 9.06 -2.69 -13.06
N LEU A 230 9.42 -3.48 -14.06
CA LEU A 230 10.34 -3.04 -15.11
C LEU A 230 9.83 -1.82 -15.87
N ALA A 231 8.51 -1.71 -16.02
CA ALA A 231 7.92 -0.56 -16.73
C ALA A 231 8.23 0.72 -15.95
N GLY A 232 8.19 0.62 -14.63
CA GLY A 232 8.49 1.75 -13.79
C GLY A 232 9.99 1.99 -13.71
N ILE A 233 10.77 0.92 -13.73
CA ILE A 233 12.21 1.06 -13.68
C ILE A 233 12.71 1.65 -15.00
N GLN A 234 12.01 1.38 -16.09
CA GLN A 234 12.42 1.95 -17.37
C GLN A 234 12.33 3.48 -17.29
N GLN A 235 11.36 3.96 -16.53
CA GLN A 235 11.15 5.40 -16.37
C GLN A 235 12.22 6.04 -15.48
N LEU A 236 12.47 5.44 -14.32
CA LEU A 236 13.47 5.95 -13.39
C LEU A 236 14.89 5.81 -13.97
N ALA A 237 15.17 4.68 -14.60
CA ALA A 237 16.48 4.46 -15.20
C ALA A 237 16.60 5.36 -16.44
N GLY A 238 15.49 5.54 -17.14
CA GLY A 238 15.49 6.40 -18.33
C GLY A 238 15.88 7.83 -17.97
N ASP A 239 15.24 8.39 -16.97
CA ASP A 239 15.53 9.76 -16.53
C ASP A 239 17.01 9.90 -16.15
N ALA A 240 17.56 8.87 -15.52
CA ALA A 240 18.97 8.90 -15.13
C ALA A 240 19.84 8.96 -16.39
N THR A 241 19.46 8.20 -17.43
CA THR A 241 20.22 8.20 -18.68
C THR A 241 20.22 9.61 -19.24
N LEU A 242 19.07 10.26 -19.15
CA LEU A 242 18.89 11.62 -19.64
C LEU A 242 19.85 12.54 -18.89
N LEU A 243 19.82 12.46 -17.56
CA LEU A 243 20.69 13.28 -16.74
C LEU A 243 22.17 12.97 -16.97
N PHE A 244 22.49 11.70 -17.25
CA PHE A 244 23.88 11.31 -17.48
C PHE A 244 24.46 11.96 -18.73
N TYR A 245 23.67 12.00 -19.81
CA TYR A 245 24.14 12.62 -21.05
C TYR A 245 24.54 14.07 -20.79
N THR A 246 24.14 14.60 -19.64
CA THR A 246 24.45 15.97 -19.25
C THR A 246 25.87 16.13 -18.74
N THR A 247 26.37 15.12 -18.03
CA THR A 247 27.71 15.16 -17.46
C THR A 247 28.85 15.14 -18.48
N GLU A 248 30.01 15.59 -18.03
CA GLU A 248 31.19 15.62 -18.87
C GLU A 248 31.63 14.19 -19.15
N GLU A 249 31.62 13.35 -18.10
CA GLU A 249 32.02 11.95 -18.23
C GLU A 249 31.32 11.34 -19.44
N ALA A 250 30.02 11.57 -19.55
CA ALA A 250 29.26 11.03 -20.66
C ALA A 250 29.74 11.64 -21.98
N LYS A 251 30.02 12.94 -21.95
CA LYS A 251 30.50 13.65 -23.13
C LYS A 251 31.76 12.99 -23.67
N GLU A 252 32.67 12.63 -22.78
CA GLU A 252 33.92 11.98 -23.18
C GLU A 252 33.62 10.75 -24.01
N GLY A 253 32.59 10.02 -23.61
CA GLY A 253 32.20 8.80 -24.30
C GLY A 253 31.94 8.99 -25.78
N MET A 254 31.01 9.86 -26.14
CA MET A 254 30.69 10.07 -27.54
C MET A 254 31.76 10.91 -28.22
N ARG A 255 32.52 11.66 -27.43
CA ARG A 255 33.57 12.48 -27.99
C ARG A 255 34.64 11.55 -28.54
N ALA A 256 35.06 10.61 -27.71
CA ALA A 256 36.07 9.63 -28.09
C ALA A 256 35.59 8.79 -29.27
N PHE A 257 34.32 8.40 -29.25
CA PHE A 257 33.77 7.62 -30.33
C PHE A 257 33.94 8.36 -31.65
N LYS A 258 33.62 9.65 -31.65
CA LYS A 258 33.75 10.45 -32.86
C LYS A 258 35.21 10.66 -33.22
N GLU A 259 36.06 10.82 -32.21
CA GLU A 259 37.48 11.03 -32.41
C GLU A 259 38.22 9.74 -32.75
N LYS A 260 37.45 8.67 -32.97
CA LYS A 260 38.01 7.36 -33.31
C LYS A 260 39.12 6.94 -32.35
N ARG A 261 38.93 7.21 -31.06
CA ARG A 261 39.91 6.87 -30.04
C ARG A 261 39.23 6.20 -28.86
N LYS A 262 40.04 5.65 -27.95
CA LYS A 262 39.50 5.01 -26.76
C LYS A 262 39.20 6.14 -25.77
N PRO A 263 38.02 6.12 -25.15
CA PRO A 263 37.69 7.18 -24.20
C PRO A 263 38.53 7.09 -22.92
N ASP A 264 38.69 8.21 -22.24
CA ASP A 264 39.45 8.26 -21.00
C ASP A 264 38.54 8.73 -19.88
N PHE A 265 38.03 7.79 -19.10
CA PHE A 265 37.13 8.10 -18.00
C PHE A 265 37.85 8.30 -16.67
N SER A 266 39.08 7.79 -16.59
CA SER A 266 39.90 7.93 -15.37
C SER A 266 39.98 9.41 -15.03
N GLN A 267 39.91 10.24 -16.06
CA GLN A 267 39.96 11.68 -15.91
C GLN A 267 38.87 12.17 -14.94
N PHE A 268 37.77 11.41 -14.88
CA PHE A 268 36.62 11.74 -14.05
C PHE A 268 36.64 10.98 -12.69
N PRO A 269 35.75 11.33 -11.74
CA PRO A 269 35.68 10.69 -10.42
C PRO A 269 34.56 9.67 -10.17
N ARG A 270 34.75 8.91 -9.08
CA ARG A 270 33.85 7.86 -8.58
C ARG A 270 33.24 8.37 -7.28
N PHE A 271 32.55 7.53 -6.50
CA PHE A 271 31.99 8.04 -5.24
C PHE A 271 31.49 7.04 -4.20
N PRO A 272 32.35 6.68 -3.22
CA PRO A 272 31.88 5.73 -2.23
C PRO A 272 30.89 6.35 -1.25
N PRO B 2 12.12 7.14 37.62
CA PRO B 2 11.97 7.32 36.16
C PRO B 2 12.97 6.48 35.38
N PHE B 3 13.73 7.12 34.49
CA PHE B 3 14.71 6.40 33.68
C PHE B 3 16.10 7.02 33.74
N GLU B 4 17.10 6.20 34.00
CA GLU B 4 18.48 6.66 34.05
C GLU B 4 19.24 5.95 32.94
N TRP B 5 19.51 6.69 31.86
CA TRP B 5 20.23 6.15 30.72
C TRP B 5 21.72 6.05 31.01
N VAL B 6 22.31 4.93 30.61
CA VAL B 6 23.73 4.70 30.82
C VAL B 6 24.53 4.93 29.55
N LYS B 7 25.10 6.13 29.41
CA LYS B 7 25.93 6.46 28.25
C LYS B 7 26.94 5.31 28.18
N GLN B 8 27.14 4.72 27.01
CA GLN B 8 28.01 3.56 26.90
C GLN B 8 29.24 3.62 25.99
N TYR B 9 29.39 4.69 25.22
CA TYR B 9 30.53 4.84 24.33
C TYR B 9 30.87 6.31 24.15
N ASP B 10 31.72 6.62 23.18
CA ASP B 10 32.10 8.02 22.94
C ASP B 10 32.00 8.44 21.48
N TYR B 11 30.92 9.14 21.14
CA TYR B 11 30.74 9.63 19.78
C TYR B 11 30.75 11.15 19.82
N GLU B 12 31.07 11.77 18.69
CA GLU B 12 31.12 13.21 18.61
C GLU B 12 29.79 13.85 18.21
N ASP B 13 29.15 13.29 17.19
CA ASP B 13 27.88 13.84 16.71
C ASP B 13 26.64 13.19 17.31
N ILE B 14 26.82 12.13 18.10
CA ILE B 14 25.68 11.45 18.70
C ILE B 14 25.96 10.95 20.12
N ILE B 15 24.94 10.30 20.69
CA ILE B 15 25.00 9.75 22.04
C ILE B 15 24.30 8.40 22.05
N TYR B 16 24.90 7.42 22.70
CA TYR B 16 24.34 6.08 22.79
C TYR B 16 24.12 5.76 24.26
N GLU B 17 22.90 5.38 24.62
CA GLU B 17 22.57 5.07 26.00
C GLU B 17 21.64 3.88 26.04
N THR B 18 21.73 3.10 27.11
CA THR B 18 20.88 1.94 27.28
C THR B 18 20.17 2.07 28.62
N TYR B 19 18.91 1.62 28.67
CA TYR B 19 18.16 1.67 29.90
C TYR B 19 18.10 0.23 30.40
N ASN B 20 17.03 -0.48 30.05
CA ASN B 20 16.93 -1.89 30.43
C ASN B 20 16.19 -2.67 29.35
N GLY B 21 16.96 -3.03 28.33
CA GLY B 21 16.41 -3.75 27.21
C GLY B 21 16.22 -2.78 26.06
N ILE B 22 16.33 -1.49 26.38
CA ILE B 22 16.17 -0.44 25.38
C ILE B 22 17.44 0.33 25.10
N ALA B 23 17.73 0.53 23.81
CA ALA B 23 18.90 1.29 23.41
C ALA B 23 18.39 2.59 22.82
N LYS B 24 19.05 3.70 23.15
CA LYS B 24 18.65 4.98 22.60
C LYS B 24 19.80 5.66 21.91
N ILE B 25 19.54 6.12 20.69
CA ILE B 25 20.53 6.80 19.87
C ILE B 25 20.04 8.22 19.63
N THR B 26 20.78 9.18 20.17
CA THR B 26 20.39 10.57 20.02
C THR B 26 21.31 11.38 19.10
N ILE B 27 20.74 11.92 18.04
CA ILE B 27 21.51 12.76 17.14
C ILE B 27 21.78 13.99 18.00
N ASN B 28 23.05 14.29 18.23
CA ASN B 28 23.40 15.39 19.09
C ASN B 28 24.09 16.59 18.45
N ARG B 29 23.40 17.24 17.52
CA ARG B 29 23.91 18.42 16.86
C ARG B 29 22.78 19.45 16.79
N PRO B 30 22.17 19.75 17.94
CA PRO B 30 21.07 20.71 18.01
C PRO B 30 21.33 22.07 17.36
N GLU B 31 22.60 22.47 17.27
CA GLU B 31 22.98 23.76 16.67
C GLU B 31 22.58 23.88 15.21
N VAL B 32 22.39 22.74 14.54
CA VAL B 32 21.99 22.74 13.14
C VAL B 32 20.71 21.91 13.05
N HIS B 33 19.94 21.94 14.13
CA HIS B 33 18.70 21.18 14.24
C HIS B 33 18.93 19.71 13.89
N ASN B 34 19.90 19.13 14.58
CA ASN B 34 20.28 17.74 14.41
C ASN B 34 20.42 17.24 12.98
N ALA B 35 20.94 18.09 12.11
CA ALA B 35 21.17 17.72 10.72
C ALA B 35 22.38 16.80 10.73
N PHE B 36 22.41 15.80 9.87
CA PHE B 36 23.53 14.88 9.85
C PHE B 36 24.55 15.14 8.75
N ARG B 37 25.81 14.81 9.04
CA ARG B 37 26.91 14.94 8.11
C ARG B 37 27.48 13.53 8.03
N PRO B 38 28.29 13.22 7.01
CA PRO B 38 28.86 11.86 6.88
C PRO B 38 29.28 11.20 8.20
N LYS B 39 29.92 11.96 9.08
CA LYS B 39 30.37 11.43 10.36
C LYS B 39 29.25 10.99 11.28
N THR B 40 28.22 11.83 11.43
CA THR B 40 27.11 11.47 12.31
C THR B 40 26.38 10.24 11.77
N VAL B 41 26.35 10.09 10.45
CA VAL B 41 25.70 8.92 9.84
C VAL B 41 26.57 7.70 10.14
N ASN B 42 27.89 7.85 9.98
CA ASN B 42 28.81 6.75 10.26
C ASN B 42 28.71 6.33 11.71
N GLU B 43 28.53 7.31 12.59
CA GLU B 43 28.41 7.04 14.02
C GLU B 43 27.10 6.34 14.34
N MET B 44 26.06 6.68 13.58
CA MET B 44 24.75 6.05 13.79
C MET B 44 24.82 4.59 13.34
N ILE B 45 25.52 4.35 12.24
CA ILE B 45 25.69 2.99 11.72
C ILE B 45 26.34 2.17 12.82
N ASP B 46 27.41 2.72 13.39
CA ASP B 46 28.15 2.04 14.45
C ASP B 46 27.28 1.77 15.67
N ALA B 47 26.57 2.80 16.12
CA ALA B 47 25.70 2.66 17.28
C ALA B 47 24.58 1.65 17.05
N PHE B 48 23.94 1.72 15.88
CA PHE B 48 22.89 0.77 15.58
C PHE B 48 23.47 -0.63 15.56
N THR B 49 24.69 -0.76 15.05
CA THR B 49 25.32 -2.08 14.99
C THR B 49 25.56 -2.60 16.40
N LYS B 50 25.96 -1.72 17.31
CA LYS B 50 26.21 -2.10 18.69
C LYS B 50 24.91 -2.59 19.34
N ALA B 51 23.81 -1.88 19.08
CA ALA B 51 22.52 -2.28 19.63
C ALA B 51 22.08 -3.61 19.04
N ARG B 52 22.40 -3.82 17.77
CA ARG B 52 22.06 -5.05 17.05
C ARG B 52 22.68 -6.29 17.69
N ASP B 53 23.96 -6.20 18.06
CA ASP B 53 24.66 -7.34 18.65
C ASP B 53 24.45 -7.51 20.15
N ASP B 54 23.98 -6.48 20.84
CA ASP B 54 23.76 -6.58 22.28
C ASP B 54 22.51 -7.40 22.54
N SER B 55 22.70 -8.65 22.97
CA SER B 55 21.58 -9.54 23.23
C SER B 55 20.66 -9.07 24.35
N ASN B 56 21.05 -7.98 25.03
CA ASN B 56 20.24 -7.44 26.11
C ASN B 56 19.34 -6.31 25.63
N ILE B 57 19.53 -5.90 24.38
CA ILE B 57 18.73 -4.85 23.79
C ILE B 57 17.68 -5.51 22.89
N GLY B 58 16.42 -5.17 23.11
CA GLY B 58 15.34 -5.74 22.31
C GLY B 58 14.54 -4.70 21.58
N VAL B 59 14.83 -3.42 21.83
CA VAL B 59 14.12 -2.32 21.18
C VAL B 59 15.06 -1.14 21.08
N ILE B 60 14.94 -0.37 20.00
CA ILE B 60 15.79 0.78 19.79
C ILE B 60 15.00 2.07 19.55
N ILE B 61 15.45 3.14 20.18
CA ILE B 61 14.83 4.46 20.02
C ILE B 61 15.81 5.37 19.28
N LEU B 62 15.31 6.12 18.30
CA LEU B 62 16.14 7.06 17.56
C LEU B 62 15.49 8.44 17.82
N THR B 63 16.29 9.44 18.19
CA THR B 63 15.73 10.76 18.47
C THR B 63 16.75 11.90 18.34
N GLY B 64 16.27 13.13 18.43
CA GLY B 64 17.11 14.31 18.33
C GLY B 64 17.42 14.82 19.74
N ALA B 65 18.57 15.45 19.92
CA ALA B 65 18.97 15.95 21.24
C ALA B 65 17.99 16.89 21.92
N GLY B 66 17.72 18.02 21.29
CA GLY B 66 16.82 19.00 21.90
C GLY B 66 15.35 18.62 21.89
N GLY B 67 14.49 19.63 22.02
CA GLY B 67 13.07 19.40 22.02
C GLY B 67 12.42 20.10 20.85
N LYS B 68 13.22 20.58 19.91
CA LYS B 68 12.70 21.28 18.75
C LYS B 68 13.14 20.69 17.41
N ALA B 69 13.82 19.55 17.45
CA ALA B 69 14.26 18.92 16.22
C ALA B 69 14.66 17.47 16.41
N PHE B 70 14.21 16.62 15.49
CA PHE B 70 14.53 15.20 15.49
C PHE B 70 15.74 15.06 14.61
N CYS B 71 15.61 15.61 13.41
CA CYS B 71 16.66 15.57 12.41
C CYS B 71 16.10 16.58 11.40
N SER B 72 16.98 17.29 10.72
CA SER B 72 16.53 18.28 9.74
C SER B 72 17.12 17.85 8.38
N GLY B 73 17.74 16.68 8.34
CA GLY B 73 18.30 16.22 7.07
C GLY B 73 19.81 16.26 7.00
N GLY B 74 20.35 16.16 5.78
CA GLY B 74 21.79 16.19 5.60
C GLY B 74 22.41 17.54 5.93
N LEU B 93 23.58 9.99 1.73
CA LEU B 93 23.93 8.83 0.85
C LEU B 93 24.52 7.67 1.58
N ASN B 94 25.29 7.94 2.61
CA ASN B 94 25.81 6.84 3.36
C ASN B 94 24.63 6.65 4.33
N VAL B 95 23.70 7.58 4.23
CA VAL B 95 22.47 7.53 5.04
C VAL B 95 21.56 6.45 4.44
N LEU B 96 21.88 6.06 3.20
CA LEU B 96 21.14 5.01 2.50
C LEU B 96 21.50 3.66 3.11
N ASP B 97 22.75 3.54 3.55
CA ASP B 97 23.21 2.30 4.19
C ASP B 97 22.55 2.23 5.57
N LEU B 98 22.38 3.39 6.19
CA LEU B 98 21.75 3.48 7.50
C LEU B 98 20.30 3.03 7.40
N GLN B 99 19.61 3.55 6.39
CA GLN B 99 18.22 3.18 6.17
C GLN B 99 18.09 1.66 6.09
N ARG B 100 18.94 1.02 5.30
CA ARG B 100 18.88 -0.43 5.15
C ARG B 100 19.21 -1.16 6.45
N LEU B 101 20.11 -0.58 7.23
CA LEU B 101 20.52 -1.17 8.50
C LEU B 101 19.36 -1.17 9.46
N ILE B 102 18.68 -0.03 9.57
CA ILE B 102 17.54 0.13 10.47
C ILE B 102 16.47 -0.91 10.14
N ARG B 103 16.32 -1.23 8.86
CA ARG B 103 15.33 -2.20 8.42
C ARG B 103 15.76 -3.66 8.62
N VAL B 104 17.04 -3.96 8.42
CA VAL B 104 17.50 -5.35 8.58
C VAL B 104 17.63 -5.79 10.03
N ILE B 105 17.87 -4.84 10.94
CA ILE B 105 18.01 -5.19 12.35
C ILE B 105 16.72 -5.83 12.87
N PRO B 106 16.83 -7.06 13.41
CA PRO B 106 15.73 -7.86 13.97
C PRO B 106 15.13 -7.36 15.25
N LYS B 107 15.10 -6.05 15.42
CA LYS B 107 14.53 -5.42 16.60
C LYS B 107 13.77 -4.19 16.16
N PRO B 108 12.58 -3.95 16.74
CA PRO B 108 11.80 -2.78 16.36
C PRO B 108 12.52 -1.47 16.67
N VAL B 109 12.48 -0.53 15.72
CA VAL B 109 13.10 0.78 15.89
C VAL B 109 11.98 1.81 16.01
N ILE B 110 12.05 2.65 17.04
CA ILE B 110 11.04 3.67 17.28
C ILE B 110 11.60 5.08 17.19
N ALA B 111 11.08 5.86 16.24
CA ALA B 111 11.52 7.24 16.11
C ALA B 111 10.76 8.12 17.12
N MET B 112 11.50 8.79 17.99
CA MET B 112 10.91 9.67 18.99
C MET B 112 11.11 11.07 18.44
N VAL B 113 10.05 11.63 17.86
CA VAL B 113 10.13 12.93 17.22
C VAL B 113 9.66 14.15 18.01
N ALA B 114 10.58 15.09 18.19
CA ALA B 114 10.29 16.34 18.86
C ALA B 114 10.71 17.38 17.83
N GLY B 115 9.87 18.36 17.58
CA GLY B 115 10.21 19.37 16.61
C GLY B 115 10.34 18.86 15.19
N TYR B 116 11.32 19.40 14.48
CA TYR B 116 11.55 19.07 13.07
C TYR B 116 12.05 17.67 12.71
N ALA B 117 11.38 17.08 11.72
CA ALA B 117 11.73 15.77 11.15
C ALA B 117 11.57 16.08 9.66
N ILE B 118 12.60 16.71 9.10
CA ILE B 118 12.62 17.17 7.73
C ILE B 118 13.73 16.63 6.84
N GLY B 119 13.45 16.58 5.53
CA GLY B 119 14.42 16.10 4.57
C GLY B 119 14.83 14.69 4.91
N GLY B 120 16.13 14.43 4.82
CA GLY B 120 16.64 13.11 5.13
C GLY B 120 16.18 12.69 6.52
N GLY B 121 15.91 13.68 7.36
CA GLY B 121 15.46 13.39 8.71
C GLY B 121 14.05 12.82 8.70
N HIS B 122 13.25 13.23 7.73
CA HIS B 122 11.90 12.72 7.65
C HIS B 122 11.92 11.28 7.16
N VAL B 123 12.84 10.96 6.27
CA VAL B 123 12.93 9.61 5.74
C VAL B 123 13.41 8.69 6.86
N LEU B 124 14.32 9.19 7.69
CA LEU B 124 14.81 8.39 8.80
C LEU B 124 13.67 7.95 9.71
N HIS B 125 12.83 8.91 10.12
CA HIS B 125 11.70 8.57 10.97
C HIS B 125 10.78 7.61 10.20
N VAL B 126 10.62 7.86 8.90
CA VAL B 126 9.79 7.02 8.05
C VAL B 126 10.19 5.54 8.07
N VAL B 127 11.48 5.25 7.87
CA VAL B 127 11.94 3.87 7.85
C VAL B 127 11.91 3.17 9.21
N CYS B 128 11.94 3.94 10.30
CA CYS B 128 11.86 3.32 11.62
C CYS B 128 10.49 2.63 11.67
N ASP B 129 10.43 1.47 12.32
CA ASP B 129 9.19 0.71 12.41
C ASP B 129 7.97 1.52 12.86
N LEU B 130 8.16 2.29 13.93
CA LEU B 130 7.08 3.08 14.51
C LEU B 130 7.59 4.48 14.81
N THR B 131 6.65 5.41 14.98
CA THR B 131 6.98 6.78 15.28
C THR B 131 6.03 7.35 16.33
N ILE B 132 6.61 7.87 17.41
CA ILE B 132 5.85 8.49 18.48
C ILE B 132 6.28 9.95 18.42
N ALA B 133 5.32 10.84 18.15
CA ALA B 133 5.60 12.27 18.02
C ALA B 133 5.01 13.16 19.12
N ALA B 134 5.71 14.26 19.38
CA ALA B 134 5.29 15.24 20.38
C ALA B 134 4.33 16.20 19.64
N ASP B 135 3.41 16.82 20.36
CA ASP B 135 2.47 17.73 19.71
C ASP B 135 3.15 18.88 18.99
N ASN B 136 4.45 19.06 19.21
CA ASN B 136 5.15 20.15 18.54
C ASN B 136 5.90 19.65 17.30
N ALA B 137 5.81 18.34 17.03
CA ALA B 137 6.49 17.75 15.87
C ALA B 137 6.08 18.34 14.52
N ILE B 138 7.06 18.49 13.63
CA ILE B 138 6.84 19.02 12.29
C ILE B 138 7.44 18.03 11.28
N PHE B 139 6.64 17.63 10.29
CA PHE B 139 7.08 16.66 9.28
C PHE B 139 7.07 17.20 7.86
N GLY B 140 7.94 16.64 7.02
CA GLY B 140 8.00 17.09 5.64
C GLY B 140 9.29 16.81 4.89
N GLN B 141 9.22 16.97 3.57
CA GLN B 141 10.37 16.79 2.69
C GLN B 141 10.77 18.17 2.18
N THR B 142 12.04 18.30 1.79
CA THR B 142 12.57 19.55 1.25
C THR B 142 13.53 19.23 0.10
N GLY B 143 13.31 18.07 -0.52
CA GLY B 143 14.14 17.65 -1.64
C GLY B 143 14.18 18.61 -2.82
N PRO B 144 13.05 18.76 -3.55
CA PRO B 144 13.01 19.66 -4.71
C PRO B 144 13.20 21.15 -4.43
N LYS B 145 13.43 21.51 -3.17
CA LYS B 145 13.64 22.91 -2.78
C LYS B 145 15.12 23.16 -2.58
N VAL B 146 15.79 22.23 -1.93
CA VAL B 146 17.22 22.36 -1.64
C VAL B 146 18.09 21.57 -2.63
N GLY B 147 17.48 21.10 -3.71
CA GLY B 147 18.22 20.37 -4.72
C GLY B 147 18.57 18.92 -4.46
N SER B 148 17.55 18.08 -4.27
CA SER B 148 17.77 16.65 -4.06
C SER B 148 16.46 15.89 -3.99
N PHE B 149 16.55 14.62 -3.65
CA PHE B 149 15.36 13.78 -3.56
C PHE B 149 15.75 12.38 -3.10
N ASP B 150 14.79 11.67 -2.51
CA ASP B 150 15.01 10.30 -2.07
C ASP B 150 13.90 9.49 -2.70
N GLY B 151 14.22 8.83 -3.81
CA GLY B 151 13.23 8.04 -4.51
C GLY B 151 13.21 6.57 -4.11
N GLY B 152 13.93 6.24 -3.03
CA GLY B 152 13.96 4.87 -2.56
C GLY B 152 12.84 4.70 -1.56
N TYR B 153 13.19 4.36 -0.33
CA TYR B 153 12.18 4.21 0.71
C TYR B 153 11.49 5.55 0.94
N GLY B 154 12.20 6.64 0.62
CA GLY B 154 11.65 7.96 0.78
C GLY B 154 10.36 8.15 0.01
N ALA B 155 10.21 7.46 -1.11
CA ALA B 155 9.00 7.60 -1.94
C ALA B 155 8.05 6.41 -1.86
N GLY B 156 8.45 5.29 -2.47
CA GLY B 156 7.61 4.11 -2.45
C GLY B 156 7.18 3.67 -1.07
N TYR B 157 8.13 3.59 -0.13
CA TYR B 157 7.76 3.17 1.21
C TYR B 157 6.82 4.15 1.90
N LEU B 158 7.05 5.45 1.70
CA LEU B 158 6.15 6.45 2.30
C LEU B 158 4.75 6.21 1.73
N ALA B 159 4.70 5.93 0.43
CA ALA B 159 3.42 5.67 -0.25
C ALA B 159 2.75 4.46 0.38
N ARG B 160 3.55 3.55 0.91
CA ARG B 160 3.04 2.35 1.56
C ARG B 160 2.66 2.58 3.02
N ILE B 161 2.56 3.86 3.39
CA ILE B 161 2.18 4.25 4.73
C ILE B 161 0.99 5.20 4.69
N VAL B 162 1.08 6.20 3.82
CA VAL B 162 0.04 7.19 3.68
C VAL B 162 -0.72 7.14 2.35
N GLY B 163 -0.27 6.31 1.42
CA GLY B 163 -0.94 6.22 0.13
C GLY B 163 -0.26 7.11 -0.91
N HIS B 164 -0.38 6.77 -2.18
CA HIS B 164 0.27 7.57 -3.22
C HIS B 164 -0.14 9.04 -3.33
N LYS B 165 -1.44 9.34 -3.24
CA LYS B 165 -1.90 10.73 -3.34
C LYS B 165 -1.17 11.64 -2.36
N LYS B 166 -1.15 11.25 -1.08
CA LYS B 166 -0.49 12.02 -0.02
C LYS B 166 1.04 12.02 -0.14
N ALA B 167 1.62 10.87 -0.44
CA ALA B 167 3.07 10.76 -0.56
C ALA B 167 3.57 11.67 -1.69
N ARG B 168 2.88 11.66 -2.82
CA ARG B 168 3.27 12.50 -3.94
C ARG B 168 3.10 13.98 -3.56
N GLU B 169 2.11 14.24 -2.70
CA GLU B 169 1.87 15.61 -2.23
C GLU B 169 3.01 16.09 -1.34
N ILE B 170 3.43 15.23 -0.41
CA ILE B 170 4.50 15.58 0.51
C ILE B 170 5.79 15.95 -0.23
N TRP B 171 6.11 15.20 -1.29
CA TRP B 171 7.31 15.45 -2.06
C TRP B 171 7.23 16.60 -3.05
N TYR B 172 6.10 16.72 -3.74
CA TYR B 172 5.94 17.77 -4.73
C TYR B 172 5.84 19.19 -4.18
N LEU B 173 5.09 19.39 -3.10
CA LEU B 173 4.93 20.71 -2.52
C LEU B 173 5.90 21.05 -1.39
N CYS B 174 6.52 20.02 -0.81
CA CYS B 174 7.48 20.22 0.28
C CYS B 174 6.97 21.09 1.44
N ARG B 175 5.68 21.00 1.72
CA ARG B 175 5.12 21.78 2.82
C ARG B 175 5.42 21.03 4.12
N GLN B 176 5.03 21.63 5.24
CA GLN B 176 5.24 21.01 6.54
C GLN B 176 3.91 20.48 7.06
N TYR B 177 3.97 19.47 7.91
CA TYR B 177 2.75 18.88 8.47
C TYR B 177 2.87 18.79 9.98
N THR B 178 1.81 19.18 10.67
CA THR B 178 1.79 19.14 12.13
C THR B 178 1.71 17.69 12.60
N ALA B 179 1.93 17.47 13.89
CA ALA B 179 1.87 16.14 14.45
C ALA B 179 0.47 15.54 14.22
N GLN B 180 -0.55 16.35 14.41
CA GLN B 180 -1.93 15.88 14.25
C GLN B 180 -2.22 15.48 12.79
N GLU B 181 -1.71 16.24 11.82
CA GLU B 181 -1.94 15.90 10.42
C GLU B 181 -1.19 14.63 10.05
N ALA B 182 -0.04 14.42 10.65
CA ALA B 182 0.74 13.23 10.37
C ALA B 182 0.02 12.02 10.95
N LEU B 183 -0.59 12.20 12.12
CA LEU B 183 -1.31 11.11 12.77
C LEU B 183 -2.52 10.74 11.93
N GLU B 184 -3.28 11.75 11.55
CA GLU B 184 -4.49 11.55 10.75
C GLU B 184 -4.24 10.84 9.43
N MET B 185 -3.04 10.98 8.87
CA MET B 185 -2.75 10.32 7.61
C MET B 185 -2.01 8.99 7.79
N GLY B 186 -1.88 8.54 9.03
CA GLY B 186 -1.21 7.28 9.30
C GLY B 186 0.31 7.32 9.24
N LEU B 187 0.88 8.53 9.22
CA LEU B 187 2.32 8.72 9.16
C LEU B 187 3.03 8.41 10.50
N VAL B 188 2.40 8.77 11.62
CA VAL B 188 2.97 8.46 12.93
C VAL B 188 1.95 7.61 13.70
N ASN B 189 2.43 6.89 14.71
CA ASN B 189 1.58 5.99 15.49
C ASN B 189 0.83 6.64 16.64
N LYS B 190 1.44 7.64 17.26
CA LYS B 190 0.79 8.30 18.38
C LYS B 190 1.38 9.68 18.67
N VAL B 191 0.55 10.56 19.20
CA VAL B 191 0.97 11.92 19.52
C VAL B 191 0.66 12.23 20.99
N VAL B 192 1.64 12.81 21.67
CA VAL B 192 1.48 13.18 23.07
C VAL B 192 2.22 14.49 23.34
N PRO B 193 1.87 15.17 24.45
CA PRO B 193 2.51 16.43 24.82
C PRO B 193 4.03 16.28 24.90
N LEU B 194 4.75 17.32 24.49
CA LEU B 194 6.20 17.34 24.48
C LEU B 194 6.88 16.80 25.75
N GLU B 195 6.35 17.16 26.92
CA GLU B 195 6.95 16.72 28.17
C GLU B 195 6.76 15.25 28.49
N GLN B 196 5.81 14.61 27.83
CA GLN B 196 5.54 13.19 28.06
C GLN B 196 6.06 12.31 26.92
N LEU B 197 6.75 12.92 25.95
CA LEU B 197 7.26 12.18 24.81
C LEU B 197 8.03 10.90 25.17
N GLU B 198 9.12 11.01 25.90
CA GLU B 198 9.92 9.84 26.25
C GLU B 198 9.14 8.83 27.11
N GLU B 199 8.42 9.32 28.10
CA GLU B 199 7.63 8.45 28.96
C GLU B 199 6.73 7.53 28.14
N GLU B 200 6.08 8.10 27.12
CA GLU B 200 5.19 7.32 26.25
C GLU B 200 6.01 6.35 25.41
N THR B 201 7.07 6.87 24.79
CA THR B 201 7.92 6.05 23.95
C THR B 201 8.48 4.86 24.72
N VAL B 202 9.02 5.13 25.90
CA VAL B 202 9.58 4.06 26.72
C VAL B 202 8.47 3.07 27.04
N LYS B 203 7.27 3.58 27.31
CA LYS B 203 6.13 2.73 27.62
C LYS B 203 5.87 1.75 26.47
N TRP B 204 5.87 2.26 25.25
CA TRP B 204 5.64 1.43 24.08
C TRP B 204 6.78 0.41 23.94
N ALA B 205 8.01 0.88 24.13
CA ALA B 205 9.18 0.03 24.02
C ALA B 205 9.11 -1.13 25.00
N GLN B 206 8.73 -0.85 26.24
CA GLN B 206 8.64 -1.89 27.25
C GLN B 206 7.53 -2.88 26.94
N GLU B 207 6.52 -2.42 26.23
CA GLU B 207 5.44 -3.32 25.85
C GLU B 207 6.00 -4.31 24.82
N ILE B 208 6.82 -3.81 23.90
CA ILE B 208 7.41 -4.68 22.89
C ILE B 208 8.38 -5.64 23.58
N LEU B 209 9.11 -5.14 24.57
CA LEU B 209 10.08 -5.96 25.27
C LEU B 209 9.50 -7.19 25.94
N GLU B 210 8.22 -7.15 26.28
CA GLU B 210 7.60 -8.30 26.91
C GLU B 210 7.04 -9.29 25.89
N LYS B 211 7.39 -9.07 24.62
CA LYS B 211 6.93 -9.95 23.54
C LYS B 211 8.06 -10.90 23.15
N SER B 212 7.72 -11.91 22.35
CA SER B 212 8.71 -12.87 21.87
C SER B 212 9.64 -12.16 20.89
N PRO B 213 10.95 -12.15 21.19
CA PRO B 213 11.93 -11.50 20.31
C PRO B 213 11.94 -12.15 18.92
N THR B 214 11.77 -13.46 18.91
CA THR B 214 11.77 -14.24 17.67
C THR B 214 10.54 -13.97 16.81
N ALA B 215 9.37 -13.93 17.44
CA ALA B 215 8.13 -13.68 16.71
C ALA B 215 8.22 -12.29 16.08
N ILE B 216 8.78 -11.35 16.84
CA ILE B 216 8.94 -9.98 16.35
C ILE B 216 9.88 -9.87 15.16
N ARG B 217 11.05 -10.52 15.24
CA ARG B 217 12.00 -10.43 14.13
C ARG B 217 11.45 -11.02 12.84
N PHE B 218 10.68 -12.10 12.96
CA PHE B 218 10.09 -12.73 11.78
C PHE B 218 9.03 -11.83 11.13
N LEU B 219 8.26 -11.13 11.96
CA LEU B 219 7.22 -10.23 11.46
C LEU B 219 7.88 -9.02 10.79
N LYS B 220 8.92 -8.48 11.43
CA LYS B 220 9.61 -7.33 10.84
C LYS B 220 10.19 -7.75 9.50
N ALA B 221 10.79 -8.95 9.44
CA ALA B 221 11.36 -9.44 8.18
C ALA B 221 10.25 -9.62 7.14
N ALA B 222 9.11 -10.14 7.57
CA ALA B 222 7.98 -10.37 6.68
C ALA B 222 7.46 -9.04 6.13
N PHE B 223 7.45 -8.02 6.97
CA PHE B 223 7.00 -6.69 6.57
C PHE B 223 7.93 -6.14 5.51
N ASN B 224 9.22 -6.35 5.71
CA ASN B 224 10.22 -5.88 4.76
C ASN B 224 10.10 -6.64 3.46
N ALA B 225 9.75 -7.93 3.55
CA ALA B 225 9.60 -8.77 2.37
C ALA B 225 8.43 -8.31 1.51
N ASP B 226 7.46 -7.64 2.14
CA ASP B 226 6.27 -7.15 1.45
C ASP B 226 6.62 -6.26 0.26
N SER B 227 7.71 -5.52 0.36
CA SER B 227 8.11 -4.61 -0.71
C SER B 227 9.53 -4.74 -1.27
N ASP B 228 10.39 -5.53 -0.64
CA ASP B 228 11.76 -5.60 -1.10
C ASP B 228 12.23 -6.83 -1.88
N GLY B 229 11.27 -7.52 -2.51
CA GLY B 229 11.59 -8.69 -3.30
C GLY B 229 12.62 -9.61 -2.66
N LEU B 230 13.62 -9.97 -3.44
CA LEU B 230 14.68 -10.88 -2.99
C LEU B 230 15.49 -10.38 -1.79
N ALA B 231 15.59 -9.06 -1.62
CA ALA B 231 16.31 -8.51 -0.48
C ALA B 231 15.53 -8.78 0.79
N GLY B 232 14.21 -8.62 0.69
CA GLY B 232 13.35 -8.86 1.85
C GLY B 232 13.25 -10.36 2.09
N ILE B 233 13.22 -11.13 1.02
CA ILE B 233 13.14 -12.57 1.17
C ILE B 233 14.45 -13.09 1.76
N GLN B 234 15.57 -12.43 1.45
CA GLN B 234 16.85 -12.87 2.02
C GLN B 234 16.75 -12.77 3.53
N GLN B 235 16.19 -11.66 4.02
CA GLN B 235 16.03 -11.47 5.46
C GLN B 235 15.08 -12.48 6.08
N LEU B 236 13.92 -12.69 5.44
CA LEU B 236 12.94 -13.64 5.96
C LEU B 236 13.44 -15.09 5.93
N ALA B 237 14.06 -15.51 4.83
CA ALA B 237 14.59 -16.87 4.74
C ALA B 237 15.78 -17.02 5.68
N GLY B 238 16.59 -15.97 5.77
CA GLY B 238 17.75 -15.99 6.64
C GLY B 238 17.37 -16.28 8.08
N ASP B 239 16.28 -15.67 8.56
CA ASP B 239 15.85 -15.91 9.93
C ASP B 239 15.33 -17.34 10.06
N ALA B 240 14.71 -17.84 8.99
CA ALA B 240 14.19 -19.19 8.98
C ALA B 240 15.39 -20.13 9.15
N THR B 241 16.48 -19.80 8.46
CA THR B 241 17.71 -20.59 8.52
C THR B 241 18.27 -20.57 9.94
N LEU B 242 18.41 -19.38 10.50
CA LEU B 242 18.92 -19.22 11.85
C LEU B 242 18.13 -20.09 12.82
N LEU B 243 16.81 -20.01 12.73
CA LEU B 243 15.96 -20.80 13.61
C LEU B 243 16.24 -22.29 13.40
N PHE B 244 16.14 -22.73 12.15
CA PHE B 244 16.37 -24.12 11.79
C PHE B 244 17.65 -24.70 12.41
N TYR B 245 18.67 -23.86 12.60
CA TYR B 245 19.92 -24.34 13.18
C TYR B 245 19.79 -24.84 14.60
N THR B 246 18.83 -24.29 15.34
CA THR B 246 18.62 -24.71 16.73
C THR B 246 17.68 -25.90 16.83
N THR B 247 17.54 -26.65 15.75
CA THR B 247 16.67 -27.83 15.77
C THR B 247 17.51 -29.09 15.69
N GLU B 248 16.97 -30.18 16.24
CA GLU B 248 17.66 -31.46 16.23
C GLU B 248 17.93 -31.92 14.80
N GLU B 249 16.94 -31.74 13.93
CA GLU B 249 17.05 -32.14 12.53
C GLU B 249 18.31 -31.55 11.89
N ALA B 250 18.49 -30.25 12.05
CA ALA B 250 19.64 -29.56 11.50
C ALA B 250 20.95 -30.09 12.09
N LYS B 251 21.00 -30.16 13.41
CA LYS B 251 22.19 -30.64 14.11
C LYS B 251 22.62 -32.03 13.64
N GLU B 252 21.66 -32.86 13.24
CA GLU B 252 21.98 -34.19 12.74
C GLU B 252 22.78 -34.07 11.45
N GLY B 253 22.31 -33.22 10.56
CA GLY B 253 23.00 -33.02 9.30
C GLY B 253 24.42 -32.60 9.58
N MET B 254 24.59 -31.76 10.59
CA MET B 254 25.90 -31.27 10.99
C MET B 254 26.72 -32.39 11.61
N ARG B 255 26.14 -33.04 12.62
CA ARG B 255 26.79 -34.14 13.33
C ARG B 255 27.23 -35.26 12.39
N ALA B 256 26.35 -35.62 11.46
CA ALA B 256 26.65 -36.68 10.50
C ALA B 256 27.79 -36.29 9.57
N PHE B 257 27.93 -35.00 9.32
CA PHE B 257 28.99 -34.49 8.44
C PHE B 257 30.34 -34.60 9.14
N LYS B 258 30.33 -34.36 10.45
CA LYS B 258 31.53 -34.43 11.25
C LYS B 258 31.92 -35.88 11.47
N GLU B 259 30.91 -36.74 11.59
CA GLU B 259 31.11 -38.16 11.81
C GLU B 259 31.37 -38.94 10.52
N LYS B 260 31.65 -38.21 9.44
CA LYS B 260 31.92 -38.83 8.14
C LYS B 260 30.94 -39.93 7.75
N ARG B 261 29.66 -39.75 8.11
CA ARG B 261 28.65 -40.74 7.78
C ARG B 261 27.48 -40.08 7.07
N LYS B 262 26.61 -40.88 6.47
CA LYS B 262 25.44 -40.35 5.78
C LYS B 262 24.40 -40.00 6.84
N PRO B 263 23.78 -38.81 6.72
CA PRO B 263 22.76 -38.34 7.67
C PRO B 263 21.49 -39.19 7.69
N ASP B 264 20.78 -39.15 8.81
CA ASP B 264 19.54 -39.90 8.97
C ASP B 264 18.47 -38.94 9.47
N PHE B 265 17.76 -38.29 8.55
CA PHE B 265 16.72 -37.34 8.88
C PHE B 265 15.37 -38.02 9.15
N SER B 266 15.31 -39.33 8.90
CA SER B 266 14.08 -40.09 9.10
C SER B 266 13.56 -40.05 10.53
N GLN B 267 14.44 -39.79 11.48
CA GLN B 267 14.06 -39.76 12.89
C GLN B 267 13.32 -38.47 13.26
N PHE B 268 13.07 -37.63 12.27
CA PHE B 268 12.37 -36.36 12.49
C PHE B 268 11.05 -36.40 11.72
N PRO B 269 9.99 -35.82 12.30
CA PRO B 269 8.67 -35.78 11.68
C PRO B 269 8.49 -34.85 10.51
N ARG B 270 7.65 -35.29 9.59
CA ARG B 270 7.28 -34.53 8.42
C ARG B 270 6.11 -33.74 8.98
N PHE B 271 5.69 -32.70 8.27
CA PHE B 271 4.49 -32.00 8.69
C PHE B 271 4.00 -31.57 7.33
N PRO B 272 2.70 -31.32 7.19
CA PRO B 272 2.04 -30.93 5.95
C PRO B 272 2.24 -29.51 5.48
N TRP C 5 -32.83 -17.56 6.47
CA TRP C 5 -31.65 -18.45 6.25
C TRP C 5 -32.06 -19.92 6.32
N VAL C 6 -31.51 -20.72 5.40
CA VAL C 6 -31.80 -22.15 5.34
C VAL C 6 -30.50 -22.94 5.52
N LYS C 7 -30.47 -23.77 6.54
CA LYS C 7 -29.31 -24.60 6.86
C LYS C 7 -29.33 -25.89 6.01
N GLN C 8 -28.20 -26.24 5.40
CA GLN C 8 -28.18 -27.46 4.57
C GLN C 8 -27.35 -28.66 5.06
N TYR C 9 -26.03 -28.59 4.89
CA TYR C 9 -25.16 -29.69 5.27
C TYR C 9 -25.01 -29.76 6.79
N ASP C 10 -24.42 -30.83 7.29
CA ASP C 10 -24.27 -30.99 8.73
C ASP C 10 -22.83 -30.90 9.23
N TYR C 11 -22.43 -29.70 9.65
CA TYR C 11 -21.09 -29.47 10.17
C TYR C 11 -21.22 -29.47 11.69
N GLU C 12 -20.11 -29.73 12.37
CA GLU C 12 -20.11 -29.76 13.83
C GLU C 12 -19.67 -28.45 14.48
N ASP C 13 -18.64 -27.83 13.92
CA ASP C 13 -18.10 -26.60 14.45
C ASP C 13 -18.62 -25.33 13.80
N ILE C 14 -19.27 -25.47 12.66
CA ILE C 14 -19.81 -24.32 11.96
C ILE C 14 -21.22 -24.57 11.46
N ILE C 15 -21.81 -23.55 10.85
CA ILE C 15 -23.15 -23.63 10.30
C ILE C 15 -23.13 -23.00 8.90
N TYR C 16 -23.74 -23.68 7.94
CA TYR C 16 -23.80 -23.18 6.58
C TYR C 16 -25.25 -22.88 6.20
N GLU C 17 -25.52 -21.63 5.88
CA GLU C 17 -26.86 -21.21 5.53
C GLU C 17 -26.85 -20.30 4.31
N THR C 18 -27.92 -20.34 3.52
CA THR C 18 -28.00 -19.50 2.33
C THR C 18 -29.29 -18.68 2.34
N TYR C 19 -29.28 -17.58 1.60
CA TYR C 19 -30.43 -16.71 1.51
C TYR C 19 -30.34 -15.76 0.34
N ASN C 20 -31.23 -15.96 -0.63
CA ASN C 20 -31.31 -15.13 -1.82
C ASN C 20 -29.95 -14.74 -2.41
N GLY C 21 -29.10 -15.73 -2.65
CA GLY C 21 -27.81 -15.47 -3.24
C GLY C 21 -26.68 -15.17 -2.27
N ILE C 22 -26.92 -15.42 -0.99
CA ILE C 22 -25.90 -15.18 0.02
C ILE C 22 -25.63 -16.47 0.80
N ALA C 23 -24.35 -16.76 1.00
CA ALA C 23 -23.98 -17.93 1.77
C ALA C 23 -23.39 -17.37 3.05
N LYS C 24 -23.88 -17.84 4.19
CA LYS C 24 -23.37 -17.37 5.46
C LYS C 24 -22.74 -18.53 6.21
N ILE C 25 -21.44 -18.41 6.46
CA ILE C 25 -20.69 -19.44 7.17
C ILE C 25 -20.47 -18.93 8.58
N THR C 26 -21.00 -19.66 9.55
CA THR C 26 -20.91 -19.27 10.94
C THR C 26 -20.05 -20.19 11.80
N ILE C 27 -19.02 -19.62 12.44
CA ILE C 27 -18.16 -20.42 13.32
C ILE C 27 -18.98 -20.59 14.59
N ASN C 28 -19.25 -21.83 14.97
CA ASN C 28 -20.09 -22.08 16.13
C ASN C 28 -19.41 -22.68 17.35
N ARG C 29 -18.55 -21.90 18.00
CA ARG C 29 -17.87 -22.35 19.20
C ARG C 29 -17.82 -21.22 20.23
N PRO C 30 -18.97 -20.60 20.53
CA PRO C 30 -19.06 -19.50 21.49
C PRO C 30 -18.38 -19.71 22.85
N GLU C 31 -18.24 -20.95 23.30
CA GLU C 31 -17.63 -21.20 24.59
C GLU C 31 -16.14 -20.86 24.62
N VAL C 32 -15.49 -20.87 23.46
CA VAL C 32 -14.08 -20.52 23.38
C VAL C 32 -13.88 -19.31 22.47
N HIS C 33 -14.93 -18.50 22.37
CA HIS C 33 -14.95 -17.30 21.56
C HIS C 33 -14.70 -17.56 20.09
N ASN C 34 -15.33 -18.62 19.59
CA ASN C 34 -15.23 -19.01 18.20
C ASN C 34 -13.80 -19.18 17.70
N ALA C 35 -12.95 -19.68 18.58
CA ALA C 35 -11.56 -19.96 18.24
C ALA C 35 -11.63 -21.18 17.33
N PHE C 36 -10.62 -21.38 16.49
CA PHE C 36 -10.65 -22.53 15.61
C PHE C 36 -9.60 -23.58 15.88
N ARG C 37 -9.97 -24.82 15.59
CA ARG C 37 -9.08 -25.96 15.73
C ARG C 37 -9.06 -26.56 14.33
N PRO C 38 -8.14 -27.50 14.06
CA PRO C 38 -8.07 -28.10 12.72
C PRO C 38 -9.42 -28.50 12.13
N LYS C 39 -10.28 -29.11 12.93
CA LYS C 39 -11.58 -29.55 12.45
C LYS C 39 -12.44 -28.42 11.88
N THR C 40 -12.58 -27.34 12.64
CA THR C 40 -13.40 -26.20 12.19
C THR C 40 -12.85 -25.51 10.94
N VAL C 41 -11.53 -25.54 10.77
CA VAL C 41 -10.94 -24.94 9.59
C VAL C 41 -11.23 -25.82 8.38
N ASN C 42 -11.15 -27.14 8.58
CA ASN C 42 -11.43 -28.10 7.51
C ASN C 42 -12.87 -27.94 7.03
N GLU C 43 -13.77 -27.72 7.98
CA GLU C 43 -15.18 -27.56 7.64
C GLU C 43 -15.42 -26.22 6.94
N MET C 44 -14.71 -25.17 7.38
CA MET C 44 -14.86 -23.87 6.74
C MET C 44 -14.37 -23.96 5.29
N ILE C 45 -13.32 -24.73 5.07
CA ILE C 45 -12.79 -24.91 3.73
C ILE C 45 -13.84 -25.65 2.90
N ASP C 46 -14.49 -26.63 3.53
CA ASP C 46 -15.52 -27.39 2.87
C ASP C 46 -16.70 -26.48 2.52
N ALA C 47 -17.19 -25.75 3.52
CA ALA C 47 -18.31 -24.84 3.34
C ALA C 47 -18.02 -23.76 2.29
N PHE C 48 -16.83 -23.20 2.34
CA PHE C 48 -16.46 -22.17 1.37
C PHE C 48 -16.42 -22.79 -0.02
N THR C 49 -16.04 -24.06 -0.09
CA THR C 49 -15.98 -24.76 -1.37
C THR C 49 -17.38 -24.98 -1.92
N LYS C 50 -18.32 -25.26 -1.02
CA LYS C 50 -19.72 -25.47 -1.42
C LYS C 50 -20.28 -24.15 -1.95
N ALA C 51 -19.96 -23.05 -1.26
CA ALA C 51 -20.45 -21.73 -1.67
C ALA C 51 -19.84 -21.36 -3.02
N ARG C 52 -18.59 -21.78 -3.23
CA ARG C 52 -17.90 -21.52 -4.48
C ARG C 52 -18.60 -22.20 -5.65
N ASP C 53 -18.96 -23.46 -5.46
CA ASP C 53 -19.61 -24.24 -6.51
C ASP C 53 -21.10 -23.96 -6.75
N ASP C 54 -21.73 -23.19 -5.87
CA ASP C 54 -23.15 -22.87 -6.01
C ASP C 54 -23.34 -21.64 -6.90
N SER C 55 -23.75 -21.87 -8.14
CA SER C 55 -23.97 -20.78 -9.09
C SER C 55 -25.07 -19.80 -8.67
N ASN C 56 -25.74 -20.10 -7.56
CA ASN C 56 -26.79 -19.21 -7.05
C ASN C 56 -26.20 -18.24 -6.05
N ILE C 57 -25.10 -18.64 -5.42
CA ILE C 57 -24.42 -17.82 -4.43
C ILE C 57 -23.45 -16.85 -5.09
N GLY C 58 -23.54 -15.57 -4.74
CA GLY C 58 -22.67 -14.57 -5.31
C GLY C 58 -21.86 -13.80 -4.29
N VAL C 59 -22.28 -13.88 -3.03
CA VAL C 59 -21.58 -13.20 -1.94
C VAL C 59 -21.54 -14.17 -0.77
N ILE C 60 -20.50 -14.08 0.04
CA ILE C 60 -20.34 -14.94 1.19
C ILE C 60 -20.08 -14.11 2.44
N ILE C 61 -20.81 -14.42 3.51
CA ILE C 61 -20.63 -13.74 4.77
C ILE C 61 -19.98 -14.73 5.73
N LEU C 62 -18.95 -14.28 6.45
CA LEU C 62 -18.27 -15.13 7.42
C LEU C 62 -18.48 -14.45 8.76
N THR C 63 -18.84 -15.22 9.78
CA THR C 63 -19.07 -14.63 11.10
C THR C 63 -19.00 -15.63 12.24
N GLY C 64 -19.15 -15.12 13.45
CA GLY C 64 -19.12 -15.95 14.64
C GLY C 64 -20.50 -16.01 15.30
N ALA C 65 -20.74 -17.01 16.15
CA ALA C 65 -22.03 -17.12 16.80
C ALA C 65 -22.04 -16.49 18.20
N GLY C 66 -23.22 -16.03 18.64
CA GLY C 66 -23.37 -15.41 19.97
C GLY C 66 -23.10 -14.02 20.54
N GLY C 67 -22.83 -13.07 19.66
CA GLY C 67 -22.56 -11.69 20.03
C GLY C 67 -21.21 -11.15 20.55
N LYS C 68 -20.17 -11.89 20.93
CA LYS C 68 -18.98 -11.16 21.39
C LYS C 68 -17.74 -11.81 20.91
N ALA C 69 -17.81 -12.39 19.73
CA ALA C 69 -16.64 -13.09 19.21
C ALA C 69 -16.88 -13.47 17.76
N PHE C 70 -16.02 -12.99 16.87
CA PHE C 70 -16.09 -13.31 15.44
C PHE C 70 -15.25 -14.58 15.36
N CYS C 71 -14.08 -14.50 15.98
CA CYS C 71 -13.14 -15.60 16.02
C CYS C 71 -11.93 -15.18 16.85
N SER C 72 -11.63 -16.00 17.86
CA SER C 72 -10.53 -15.73 18.79
C SER C 72 -9.20 -16.27 18.27
N GLY C 73 -9.21 -16.90 17.10
CA GLY C 73 -7.97 -17.42 16.56
C GLY C 73 -7.80 -18.90 16.84
N GLY C 74 -6.58 -19.40 16.69
CA GLY C 74 -6.32 -20.81 16.91
C GLY C 74 -6.32 -21.31 18.34
N ASP C 75 -6.96 -22.46 18.55
CA ASP C 75 -7.05 -23.11 19.86
C ASP C 75 -5.64 -23.46 20.34
N PRO C 91 1.50 -31.42 14.36
CA PRO C 91 0.93 -30.07 14.19
C PRO C 91 0.39 -29.83 12.77
N ARG C 92 -0.21 -28.67 12.58
CA ARG C 92 -0.79 -28.30 11.28
C ARG C 92 -1.29 -26.85 11.32
N LEU C 93 -1.12 -26.16 10.20
CA LEU C 93 -1.56 -24.76 10.07
C LEU C 93 -2.43 -24.62 8.83
N ASN C 94 -3.54 -25.34 8.82
CA ASN C 94 -4.47 -25.34 7.69
C ASN C 94 -5.23 -24.05 7.43
N VAL C 95 -5.23 -23.12 8.38
CA VAL C 95 -5.93 -21.85 8.17
C VAL C 95 -5.28 -21.13 6.97
N LEU C 96 -4.00 -21.41 6.74
CA LEU C 96 -3.27 -20.81 5.63
C LEU C 96 -3.93 -21.21 4.32
N ASP C 97 -4.39 -22.46 4.25
CA ASP C 97 -5.08 -22.94 3.06
C ASP C 97 -6.42 -22.20 2.93
N LEU C 98 -7.08 -21.93 4.06
CA LEU C 98 -8.36 -21.24 4.06
C LEU C 98 -8.21 -19.78 3.58
N GLN C 99 -7.16 -19.12 4.05
CA GLN C 99 -6.90 -17.74 3.64
C GLN C 99 -6.80 -17.66 2.12
N ARG C 100 -6.09 -18.62 1.52
CA ARG C 100 -5.93 -18.64 0.07
C ARG C 100 -7.26 -18.91 -0.62
N LEU C 101 -8.06 -19.83 -0.07
CA LEU C 101 -9.34 -20.15 -0.69
C LEU C 101 -10.22 -18.90 -0.65
N ILE C 102 -10.26 -18.25 0.51
CA ILE C 102 -11.06 -17.04 0.65
C ILE C 102 -10.72 -16.04 -0.45
N ARG C 103 -9.44 -15.86 -0.72
CA ARG C 103 -9.02 -14.92 -1.75
C ARG C 103 -9.24 -15.40 -3.20
N VAL C 104 -9.20 -16.72 -3.44
CA VAL C 104 -9.38 -17.22 -4.81
C VAL C 104 -10.85 -17.36 -5.25
N ILE C 105 -11.76 -17.54 -4.30
CA ILE C 105 -13.16 -17.68 -4.68
C ILE C 105 -13.62 -16.41 -5.42
N PRO C 106 -14.07 -16.55 -6.67
CA PRO C 106 -14.55 -15.42 -7.48
C PRO C 106 -15.60 -14.52 -6.89
N LYS C 107 -16.07 -14.86 -5.69
CA LYS C 107 -17.11 -14.09 -5.01
C LYS C 107 -16.67 -13.30 -3.79
N PRO C 108 -17.17 -12.06 -3.65
CA PRO C 108 -16.79 -11.25 -2.50
C PRO C 108 -17.18 -11.92 -1.20
N VAL C 109 -16.26 -11.91 -0.24
CA VAL C 109 -16.51 -12.49 1.08
C VAL C 109 -16.45 -11.35 2.09
N ILE C 110 -17.50 -11.24 2.89
CA ILE C 110 -17.60 -10.19 3.90
C ILE C 110 -17.48 -10.76 5.30
N ALA C 111 -16.57 -10.21 6.08
CA ALA C 111 -16.42 -10.63 7.46
C ALA C 111 -17.43 -9.81 8.26
N MET C 112 -18.32 -10.49 8.96
CA MET C 112 -19.33 -9.80 9.77
C MET C 112 -18.85 -9.99 11.21
N VAL C 113 -18.21 -8.94 11.73
CA VAL C 113 -17.62 -9.01 13.06
C VAL C 113 -18.39 -8.46 14.23
N ALA C 114 -18.65 -9.34 15.19
CA ALA C 114 -19.34 -8.98 16.42
C ALA C 114 -18.34 -9.38 17.48
N GLY C 115 -17.96 -8.43 18.33
CA GLY C 115 -17.01 -8.74 19.38
C GLY C 115 -15.60 -9.03 18.89
N TYR C 116 -14.96 -9.99 19.57
CA TYR C 116 -13.60 -10.43 19.31
C TYR C 116 -13.20 -10.99 17.95
N ALA C 117 -12.19 -10.37 17.35
CA ALA C 117 -11.58 -10.78 16.08
C ALA C 117 -10.11 -10.65 16.45
N ILE C 118 -9.58 -11.68 17.10
CA ILE C 118 -8.22 -11.70 17.62
C ILE C 118 -7.30 -12.79 17.03
N GLY C 119 -6.01 -12.51 17.02
CA GLY C 119 -5.03 -13.47 16.50
C GLY C 119 -5.39 -14.00 15.14
N GLY C 120 -5.35 -15.33 14.99
CA GLY C 120 -5.69 -15.94 13.73
C GLY C 120 -7.04 -15.47 13.22
N GLY C 121 -7.92 -15.12 14.15
CA GLY C 121 -9.25 -14.63 13.81
C GLY C 121 -9.19 -13.26 13.15
N HIS C 122 -8.27 -12.41 13.62
CA HIS C 122 -8.11 -11.08 13.04
C HIS C 122 -7.61 -11.17 11.60
N VAL C 123 -6.64 -12.06 11.36
CA VAL C 123 -6.11 -12.23 10.02
C VAL C 123 -7.26 -12.70 9.12
N LEU C 124 -8.13 -13.54 9.66
CA LEU C 124 -9.27 -14.01 8.87
C LEU C 124 -10.17 -12.86 8.42
N HIS C 125 -10.50 -11.93 9.31
CA HIS C 125 -11.34 -10.83 8.86
C HIS C 125 -10.56 -9.96 7.88
N VAL C 126 -9.24 -9.91 8.06
CA VAL C 126 -8.40 -9.10 7.18
C VAL C 126 -8.41 -9.63 5.74
N VAL C 127 -8.20 -10.93 5.54
CA VAL C 127 -8.19 -11.44 4.18
C VAL C 127 -9.55 -11.39 3.51
N CYS C 128 -10.62 -11.28 4.30
CA CYS C 128 -11.94 -11.17 3.70
C CYS C 128 -11.97 -9.85 2.95
N ASP C 129 -12.62 -9.81 1.79
CA ASP C 129 -12.70 -8.60 0.99
C ASP C 129 -13.14 -7.37 1.79
N LEU C 130 -14.27 -7.51 2.47
CA LEU C 130 -14.82 -6.41 3.25
C LEU C 130 -15.11 -6.85 4.68
N THR C 131 -15.24 -5.86 5.56
CA THR C 131 -15.54 -6.14 6.95
C THR C 131 -16.54 -5.12 7.50
N ILE C 132 -17.64 -5.61 8.04
CA ILE C 132 -18.64 -4.74 8.66
C ILE C 132 -18.58 -5.14 10.12
N ALA C 133 -18.42 -4.16 11.00
CA ALA C 133 -18.26 -4.43 12.42
C ALA C 133 -19.31 -3.80 13.33
N ALA C 134 -19.57 -4.47 14.45
CA ALA C 134 -20.53 -3.99 15.44
C ALA C 134 -19.73 -3.06 16.35
N ASP C 135 -20.42 -2.19 17.07
CA ASP C 135 -19.76 -1.25 17.96
C ASP C 135 -19.00 -1.92 19.11
N ASN C 136 -19.29 -3.19 19.37
CA ASN C 136 -18.63 -3.93 20.44
C ASN C 136 -17.44 -4.75 19.94
N ALA C 137 -17.17 -4.70 18.65
CA ALA C 137 -16.08 -5.46 18.06
C ALA C 137 -14.72 -5.06 18.60
N ILE C 138 -13.86 -6.05 18.84
CA ILE C 138 -12.52 -5.82 19.36
C ILE C 138 -11.53 -6.41 18.36
N PHE C 139 -10.56 -5.62 17.93
CA PHE C 139 -9.57 -6.06 16.95
C PHE C 139 -8.14 -6.10 17.50
N GLY C 140 -7.32 -6.98 16.93
CA GLY C 140 -5.94 -7.08 17.37
C GLY C 140 -5.26 -8.42 17.12
N GLN C 141 -3.93 -8.44 17.19
CA GLN C 141 -3.15 -9.67 17.01
C GLN C 141 -2.63 -10.05 18.40
N THR C 142 -2.23 -11.31 18.56
CA THR C 142 -1.70 -11.80 19.83
C THR C 142 -0.45 -12.67 19.68
N GLY C 143 -0.14 -13.06 18.45
CA GLY C 143 1.02 -13.89 18.19
C GLY C 143 2.22 -13.64 19.10
N PRO C 144 2.88 -12.47 18.97
CA PRO C 144 4.05 -12.14 19.78
C PRO C 144 3.89 -12.40 21.27
N LYS C 145 2.66 -12.31 21.76
CA LYS C 145 2.39 -12.56 23.18
C LYS C 145 2.35 -14.05 23.49
N VAL C 146 1.67 -14.81 22.63
CA VAL C 146 1.51 -16.24 22.83
C VAL C 146 2.43 -17.16 22.03
N GLY C 147 3.55 -16.62 21.56
CA GLY C 147 4.48 -17.42 20.81
C GLY C 147 4.01 -17.85 19.44
N SER C 148 3.61 -16.88 18.62
CA SER C 148 3.14 -17.18 17.26
C SER C 148 3.22 -15.94 16.37
N PHE C 149 2.95 -16.13 15.09
CA PHE C 149 2.97 -15.02 14.15
C PHE C 149 2.50 -15.43 12.75
N ASP C 150 1.97 -14.45 12.02
CA ASP C 150 1.50 -14.66 10.65
C ASP C 150 2.15 -13.57 9.82
N GLY C 151 3.25 -13.91 9.16
CA GLY C 151 3.96 -12.96 8.34
C GLY C 151 3.54 -12.98 6.88
N GLY C 152 2.43 -13.66 6.58
CA GLY C 152 1.94 -13.72 5.22
C GLY C 152 0.98 -12.58 4.97
N TYR C 153 -0.28 -12.90 4.71
CA TYR C 153 -1.29 -11.88 4.48
C TYR C 153 -1.50 -11.14 5.81
N GLY C 154 -1.17 -11.82 6.90
CA GLY C 154 -1.32 -11.23 8.21
C GLY C 154 -0.46 -9.99 8.42
N ALA C 155 0.66 -9.92 7.70
CA ALA C 155 1.55 -8.78 7.81
C ALA C 155 1.47 -7.85 6.61
N GLY C 156 2.07 -8.28 5.51
CA GLY C 156 2.08 -7.48 4.29
C GLY C 156 0.72 -7.01 3.81
N TYR C 157 -0.26 -7.90 3.80
CA TYR C 157 -1.58 -7.50 3.34
C TYR C 157 -2.21 -6.51 4.34
N LEU C 158 -1.98 -6.73 5.63
CA LEU C 158 -2.53 -5.81 6.63
C LEU C 158 -1.95 -4.42 6.38
N ALA C 159 -0.67 -4.38 6.03
CA ALA C 159 0.04 -3.12 5.76
C ALA C 159 -0.56 -2.45 4.53
N ARG C 160 -1.08 -3.26 3.62
CA ARG C 160 -1.68 -2.75 2.39
C ARG C 160 -3.12 -2.31 2.62
N ILE C 161 -3.49 -2.19 3.89
CA ILE C 161 -4.82 -1.73 4.25
C ILE C 161 -4.66 -0.52 5.17
N VAL C 162 -3.92 -0.70 6.26
CA VAL C 162 -3.73 0.36 7.24
C VAL C 162 -2.41 1.11 7.15
N GLY C 163 -1.49 0.62 6.32
CA GLY C 163 -0.20 1.29 6.20
C GLY C 163 0.81 0.63 7.11
N HIS C 164 2.09 0.67 6.70
CA HIS C 164 3.14 0.03 7.48
C HIS C 164 3.30 0.46 8.94
N LYS C 165 3.16 1.75 9.22
CA LYS C 165 3.29 2.22 10.59
C LYS C 165 2.23 1.57 11.49
N LYS C 166 0.98 1.66 11.06
CA LYS C 166 -0.11 1.08 11.83
C LYS C 166 -0.05 -0.44 11.93
N ALA C 167 0.30 -1.10 10.83
CA ALA C 167 0.37 -2.55 10.81
C ALA C 167 1.47 -3.08 11.71
N ARG C 168 2.63 -2.43 11.71
CA ARG C 168 3.73 -2.87 12.56
C ARG C 168 3.34 -2.65 14.02
N GLU C 169 2.63 -1.55 14.30
CA GLU C 169 2.17 -1.26 15.65
C GLU C 169 1.29 -2.39 16.16
N ILE C 170 0.31 -2.75 15.34
CA ILE C 170 -0.64 -3.80 15.64
C ILE C 170 0.03 -5.10 16.07
N TRP C 171 0.99 -5.57 15.28
CA TRP C 171 1.69 -6.80 15.57
C TRP C 171 2.70 -6.73 16.71
N TYR C 172 3.48 -5.67 16.76
CA TYR C 172 4.51 -5.53 17.78
C TYR C 172 4.00 -5.36 19.20
N LEU C 173 2.99 -4.51 19.38
CA LEU C 173 2.45 -4.30 20.73
C LEU C 173 1.26 -5.19 21.11
N CYS C 174 0.64 -5.82 20.11
CA CYS C 174 -0.49 -6.72 20.33
C CYS C 174 -1.63 -6.17 21.19
N ARG C 175 -1.89 -4.88 21.06
CA ARG C 175 -2.96 -4.27 21.83
C ARG C 175 -4.31 -4.56 21.18
N GLN C 176 -5.38 -4.18 21.86
CA GLN C 176 -6.74 -4.37 21.32
C GLN C 176 -7.24 -3.04 20.80
N TYR C 177 -8.04 -3.07 19.73
CA TYR C 177 -8.56 -1.84 19.13
C TYR C 177 -10.08 -1.87 19.05
N THR C 178 -10.71 -0.74 19.33
CA THR C 178 -12.17 -0.66 19.26
C THR C 178 -12.61 -0.67 17.81
N ALA C 179 -13.91 -0.79 17.60
CA ALA C 179 -14.46 -0.78 16.26
C ALA C 179 -14.25 0.61 15.66
N GLN C 180 -14.42 1.64 16.48
CA GLN C 180 -14.24 3.01 16.02
C GLN C 180 -12.78 3.25 15.64
N GLU C 181 -11.86 2.71 16.44
CA GLU C 181 -10.45 2.86 16.12
C GLU C 181 -10.12 2.10 14.84
N ALA C 182 -10.76 0.94 14.65
CA ALA C 182 -10.52 0.14 13.46
C ALA C 182 -11.01 0.89 12.23
N LEU C 183 -12.14 1.56 12.37
CA LEU C 183 -12.73 2.32 11.26
C LEU C 183 -11.81 3.46 10.85
N GLU C 184 -11.38 4.24 11.82
CA GLU C 184 -10.54 5.39 11.57
C GLU C 184 -9.20 5.07 10.88
N MET C 185 -8.69 3.85 11.08
CA MET C 185 -7.43 3.47 10.44
C MET C 185 -7.68 2.76 9.11
N GLY C 186 -8.95 2.55 8.78
CA GLY C 186 -9.30 1.90 7.53
C GLY C 186 -9.28 0.39 7.55
N LEU C 187 -9.25 -0.18 8.75
CA LEU C 187 -9.22 -1.63 8.92
C LEU C 187 -10.57 -2.28 8.59
N VAL C 188 -11.67 -1.58 8.89
CA VAL C 188 -12.99 -2.11 8.56
C VAL C 188 -13.72 -1.09 7.69
N ASN C 189 -14.74 -1.54 6.97
CA ASN C 189 -15.49 -0.68 6.06
C ASN C 189 -16.66 0.07 6.68
N LYS C 190 -17.25 -0.50 7.72
CA LYS C 190 -18.42 0.10 8.35
C LYS C 190 -18.61 -0.38 9.79
N VAL C 191 -19.18 0.49 10.61
CA VAL C 191 -19.45 0.15 11.99
C VAL C 191 -20.91 0.50 12.32
N VAL C 192 -21.61 -0.46 12.91
CA VAL C 192 -23.01 -0.26 13.30
C VAL C 192 -23.28 -0.99 14.61
N PRO C 193 -24.33 -0.58 15.35
CA PRO C 193 -24.66 -1.23 16.62
C PRO C 193 -24.89 -2.73 16.40
N LEU C 194 -24.57 -3.53 17.40
CA LEU C 194 -24.73 -4.99 17.34
C LEU C 194 -26.06 -5.47 16.82
N GLU C 195 -27.13 -4.76 17.17
CA GLU C 195 -28.48 -5.15 16.75
C GLU C 195 -28.75 -4.94 15.26
N GLN C 196 -27.91 -4.14 14.61
CA GLN C 196 -28.08 -3.86 13.20
C GLN C 196 -27.00 -4.49 12.30
N LEU C 197 -26.04 -5.16 12.91
CA LEU C 197 -24.95 -5.77 12.16
C LEU C 197 -25.38 -6.59 10.95
N GLU C 198 -26.18 -7.64 11.18
CA GLU C 198 -26.61 -8.50 10.08
C GLU C 198 -27.45 -7.81 9.02
N GLU C 199 -28.26 -6.84 9.43
CA GLU C 199 -29.10 -6.13 8.47
C GLU C 199 -28.22 -5.29 7.55
N GLU C 200 -27.20 -4.66 8.12
CA GLU C 200 -26.28 -3.83 7.34
C GLU C 200 -25.47 -4.73 6.41
N THR C 201 -24.93 -5.82 6.95
CA THR C 201 -24.14 -6.75 6.15
C THR C 201 -24.95 -7.30 4.99
N VAL C 202 -26.18 -7.71 5.28
CA VAL C 202 -27.07 -8.24 4.25
C VAL C 202 -27.34 -7.16 3.21
N LYS C 203 -27.52 -5.94 3.68
CA LYS C 203 -27.77 -4.82 2.78
C LYS C 203 -26.59 -4.63 1.83
N TRP C 204 -25.37 -4.67 2.36
CA TRP C 204 -24.16 -4.52 1.53
C TRP C 204 -24.03 -5.70 0.56
N ALA C 205 -24.40 -6.89 1.02
CA ALA C 205 -24.34 -8.08 0.18
C ALA C 205 -25.30 -7.98 -0.99
N GLN C 206 -26.55 -7.60 -0.71
CA GLN C 206 -27.55 -7.48 -1.76
C GLN C 206 -27.12 -6.46 -2.80
N GLU C 207 -26.46 -5.39 -2.36
CA GLU C 207 -25.98 -4.37 -3.28
C GLU C 207 -24.97 -4.97 -4.27
N ILE C 208 -24.15 -5.89 -3.77
CA ILE C 208 -23.16 -6.54 -4.62
C ILE C 208 -23.88 -7.51 -5.56
N LEU C 209 -24.91 -8.17 -5.03
CA LEU C 209 -25.68 -9.12 -5.81
C LEU C 209 -26.41 -8.49 -6.98
N GLU C 210 -26.47 -7.16 -6.99
CA GLU C 210 -27.14 -6.43 -8.06
C GLU C 210 -26.15 -6.11 -9.17
N LYS C 211 -24.88 -6.47 -8.95
CA LYS C 211 -23.83 -6.19 -9.92
C LYS C 211 -23.49 -7.39 -10.80
N SER C 212 -22.79 -7.11 -11.90
CA SER C 212 -22.36 -8.14 -12.83
C SER C 212 -21.33 -9.07 -12.16
N PRO C 213 -21.70 -10.35 -11.96
CA PRO C 213 -20.85 -11.37 -11.34
C PRO C 213 -19.47 -11.51 -11.96
N THR C 214 -19.42 -11.35 -13.28
CA THR C 214 -18.17 -11.45 -14.02
C THR C 214 -17.32 -10.21 -13.80
N ALA C 215 -17.98 -9.06 -13.68
CA ALA C 215 -17.27 -7.82 -13.44
C ALA C 215 -16.57 -7.92 -12.09
N ILE C 216 -17.30 -8.43 -11.10
CA ILE C 216 -16.78 -8.58 -9.75
C ILE C 216 -15.62 -9.57 -9.64
N ARG C 217 -15.74 -10.75 -10.27
CA ARG C 217 -14.66 -11.72 -10.18
C ARG C 217 -13.36 -11.22 -10.80
N PHE C 218 -13.45 -10.51 -11.92
CA PHE C 218 -12.27 -9.96 -12.57
C PHE C 218 -11.63 -8.87 -11.70
N LEU C 219 -12.46 -8.08 -11.04
CA LEU C 219 -11.98 -7.03 -10.16
C LEU C 219 -11.27 -7.65 -8.95
N LYS C 220 -11.87 -8.68 -8.37
CA LYS C 220 -11.26 -9.34 -7.20
C LYS C 220 -9.92 -9.97 -7.56
N ALA C 221 -9.84 -10.57 -8.75
CA ALA C 221 -8.61 -11.19 -9.21
C ALA C 221 -7.53 -10.12 -9.43
N ALA C 222 -7.94 -8.98 -9.99
CA ALA C 222 -7.02 -7.88 -10.24
C ALA C 222 -6.44 -7.35 -8.93
N PHE C 223 -7.28 -7.27 -7.90
CA PHE C 223 -6.85 -6.79 -6.60
C PHE C 223 -5.83 -7.78 -6.03
N ASN C 224 -6.08 -9.06 -6.22
CA ASN C 224 -5.16 -10.06 -5.72
C ASN C 224 -3.87 -10.04 -6.50
N ALA C 225 -3.95 -9.65 -7.78
CA ALA C 225 -2.77 -9.60 -8.62
C ALA C 225 -1.86 -8.46 -8.21
N ASP C 226 -2.44 -7.47 -7.54
CA ASP C 226 -1.68 -6.30 -7.09
C ASP C 226 -0.56 -6.69 -6.11
N SER C 227 -0.76 -7.74 -5.35
CA SER C 227 0.26 -8.13 -4.37
C SER C 227 0.80 -9.54 -4.45
N ASP C 228 0.18 -10.41 -5.24
CA ASP C 228 0.59 -11.81 -5.29
C ASP C 228 1.37 -12.33 -6.48
N GLY C 229 2.04 -11.45 -7.20
CA GLY C 229 2.81 -11.87 -8.36
C GLY C 229 2.11 -12.89 -9.23
N LEU C 230 2.85 -13.92 -9.64
CA LEU C 230 2.29 -14.96 -10.52
C LEU C 230 1.07 -15.69 -9.97
N ALA C 231 0.99 -15.86 -8.66
CA ALA C 231 -0.16 -16.53 -8.07
C ALA C 231 -1.40 -15.67 -8.36
N GLY C 232 -1.23 -14.35 -8.25
CA GLY C 232 -2.33 -13.44 -8.52
C GLY C 232 -2.65 -13.35 -10.00
N ILE C 233 -1.61 -13.36 -10.82
CA ILE C 233 -1.79 -13.30 -12.26
C ILE C 233 -2.47 -14.58 -12.77
N GLN C 234 -2.21 -15.70 -12.11
CA GLN C 234 -2.83 -16.96 -12.51
C GLN C 234 -4.34 -16.87 -12.34
N GLN C 235 -4.78 -16.14 -11.32
CA GLN C 235 -6.20 -15.98 -11.04
C GLN C 235 -6.82 -15.07 -12.10
N LEU C 236 -6.17 -13.93 -12.35
CA LEU C 236 -6.65 -12.97 -13.34
C LEU C 236 -6.62 -13.54 -14.75
N ALA C 237 -5.51 -14.18 -15.12
CA ALA C 237 -5.39 -14.78 -16.44
C ALA C 237 -6.39 -15.94 -16.58
N GLY C 238 -6.55 -16.71 -15.50
CA GLY C 238 -7.47 -17.83 -15.53
C GLY C 238 -8.90 -17.40 -15.81
N ASP C 239 -9.34 -16.33 -15.17
CA ASP C 239 -10.69 -15.83 -15.40
C ASP C 239 -10.82 -15.39 -16.85
N ALA C 240 -9.78 -14.76 -17.39
CA ALA C 240 -9.81 -14.31 -18.77
C ALA C 240 -9.98 -15.51 -19.69
N THR C 241 -9.42 -16.65 -19.29
CA THR C 241 -9.53 -17.86 -20.08
C THR C 241 -11.00 -18.31 -20.06
N LEU C 242 -11.55 -18.44 -18.86
CA LEU C 242 -12.94 -18.83 -18.67
C LEU C 242 -13.83 -18.00 -19.58
N LEU C 243 -13.60 -16.69 -19.54
CA LEU C 243 -14.35 -15.74 -20.34
C LEU C 243 -14.18 -16.07 -21.81
N PHE C 244 -12.93 -16.31 -22.20
CA PHE C 244 -12.60 -16.63 -23.58
C PHE C 244 -13.38 -17.83 -24.08
N TYR C 245 -13.56 -18.83 -23.22
CA TYR C 245 -14.30 -20.03 -23.58
C TYR C 245 -15.74 -19.72 -23.97
N THR C 246 -16.21 -18.54 -23.64
CA THR C 246 -17.58 -18.13 -23.94
C THR C 246 -17.71 -17.53 -25.34
N THR C 247 -16.58 -17.15 -25.93
CA THR C 247 -16.57 -16.54 -27.25
C THR C 247 -16.74 -17.51 -28.42
N GLU C 248 -17.01 -16.92 -29.58
CA GLU C 248 -17.22 -17.66 -30.82
C GLU C 248 -15.86 -18.11 -31.35
N GLU C 249 -14.83 -17.33 -31.03
CA GLU C 249 -13.47 -17.62 -31.47
C GLU C 249 -12.94 -18.93 -30.88
N ALA C 250 -13.03 -19.05 -29.55
CA ALA C 250 -12.56 -20.24 -28.85
C ALA C 250 -13.30 -21.50 -29.24
N LYS C 251 -14.62 -21.40 -29.34
CA LYS C 251 -15.45 -22.55 -29.71
C LYS C 251 -15.04 -23.06 -31.09
N GLU C 252 -14.65 -22.15 -31.96
CA GLU C 252 -14.21 -22.50 -33.31
C GLU C 252 -13.00 -23.42 -33.18
N GLY C 253 -12.18 -23.17 -32.16
CA GLY C 253 -11.01 -23.98 -31.94
C GLY C 253 -11.35 -25.34 -31.36
N MET C 254 -12.30 -25.36 -30.44
CA MET C 254 -12.73 -26.60 -29.81
C MET C 254 -13.38 -27.53 -30.83
N ARG C 255 -14.28 -26.98 -31.64
CA ARG C 255 -14.97 -27.77 -32.66
C ARG C 255 -14.04 -28.17 -33.80
N ALA C 256 -13.11 -27.29 -34.16
CA ALA C 256 -12.17 -27.60 -35.23
C ALA C 256 -11.20 -28.65 -34.70
N PHE C 257 -11.33 -28.97 -33.42
CA PHE C 257 -10.49 -29.96 -32.76
C PHE C 257 -11.32 -31.23 -32.58
N LYS C 258 -12.59 -31.14 -32.96
CA LYS C 258 -13.52 -32.26 -32.87
C LYS C 258 -13.91 -32.70 -34.28
N GLU C 259 -13.67 -31.82 -35.24
CA GLU C 259 -13.99 -32.09 -36.64
C GLU C 259 -12.76 -32.46 -37.46
N LYS C 260 -11.60 -32.43 -36.81
CA LYS C 260 -10.34 -32.76 -37.45
C LYS C 260 -9.97 -31.90 -38.66
N ARG C 261 -10.11 -30.58 -38.52
CA ARG C 261 -9.77 -29.65 -39.59
C ARG C 261 -9.11 -28.39 -39.07
N LYS C 262 -8.13 -27.89 -39.83
CA LYS C 262 -7.40 -26.69 -39.46
C LYS C 262 -8.38 -25.57 -39.11
N PRO C 263 -8.31 -25.07 -37.87
CA PRO C 263 -9.21 -24.00 -37.42
C PRO C 263 -9.07 -22.73 -38.25
N ASP C 264 -10.20 -22.03 -38.43
CA ASP C 264 -10.23 -20.79 -39.20
C ASP C 264 -10.47 -19.63 -38.23
N PHE C 265 -9.42 -18.90 -37.90
CA PHE C 265 -9.55 -17.79 -36.95
C PHE C 265 -9.70 -16.40 -37.57
N SER C 266 -9.29 -16.22 -38.82
CA SER C 266 -9.42 -14.91 -39.48
C SER C 266 -10.90 -14.55 -39.56
N GLN C 267 -11.73 -15.54 -39.28
CA GLN C 267 -13.17 -15.41 -39.29
C GLN C 267 -13.63 -14.39 -38.24
N PHE C 268 -12.90 -14.35 -37.13
CA PHE C 268 -13.21 -13.45 -36.03
C PHE C 268 -12.40 -12.16 -36.07
N PRO C 269 -12.98 -11.05 -35.57
CA PRO C 269 -12.38 -9.72 -35.52
C PRO C 269 -11.20 -9.51 -34.57
N ARG C 270 -10.45 -8.44 -34.85
CA ARG C 270 -9.32 -8.01 -34.02
C ARG C 270 -9.90 -6.74 -33.42
N PHE C 271 -9.61 -6.46 -32.15
CA PHE C 271 -10.20 -5.29 -31.49
C PHE C 271 -9.74 -3.88 -31.84
N PRO C 272 -8.49 -3.49 -31.50
CA PRO C 272 -7.39 -4.19 -30.83
C PRO C 272 -7.26 -3.68 -29.40
#